data_2YTS
#
_entry.id   2YTS
#
loop_
_entity.id
_entity.type
_entity.pdbx_description
1 polymer 'Zinc finger protein 484'
2 non-polymer 'ZINC ION'
#
_entity_poly.entity_id   1
_entity_poly.type   'polypeptide(L)'
_entity_poly.pdbx_seq_one_letter_code
;GSSGSSGTGEKPYICNECGKSFIQKSHLNRHRRIHTGEKPSGPSSG
;
_entity_poly.pdbx_strand_id   A
#
# COMPACT_ATOMS: atom_id res chain seq x y z
N GLY A 1 3.61 19.04 10.66
CA GLY A 1 4.53 18.06 10.10
C GLY A 1 5.25 17.27 11.17
N SER A 2 6.39 16.70 10.80
CA SER A 2 7.18 15.91 11.74
C SER A 2 8.24 16.77 12.43
N SER A 3 7.94 17.17 13.67
CA SER A 3 8.86 18.00 14.44
C SER A 3 10.28 17.46 14.35
N GLY A 4 10.42 16.16 14.51
CA GLY A 4 11.73 15.54 14.46
C GLY A 4 11.66 14.06 14.11
N SER A 5 12.18 13.21 15.00
CA SER A 5 12.18 11.77 14.77
C SER A 5 10.86 11.15 15.23
N SER A 6 9.96 10.93 14.28
CA SER A 6 8.66 10.35 14.57
C SER A 6 8.61 8.89 14.15
N GLY A 7 8.95 8.62 12.89
CA GLY A 7 8.93 7.27 12.39
C GLY A 7 10.24 6.54 12.64
N THR A 8 10.38 5.96 13.83
CA THR A 8 11.59 5.25 14.20
C THR A 8 11.60 3.86 13.59
N GLY A 9 10.48 3.16 13.67
CA GLY A 9 10.39 1.82 13.11
C GLY A 9 9.84 1.81 11.70
N GLU A 10 10.60 2.37 10.76
CA GLU A 10 10.18 2.44 9.37
C GLU A 10 10.07 1.04 8.78
N LYS A 11 8.84 0.58 8.56
CA LYS A 11 8.60 -0.73 7.99
C LYS A 11 9.16 -0.84 6.58
N PRO A 12 9.65 -2.04 6.21
CA PRO A 12 10.21 -2.28 4.89
C PRO A 12 9.16 -2.25 3.79
N TYR A 13 8.03 -2.92 4.04
CA TYR A 13 6.95 -2.98 3.07
C TYR A 13 5.86 -1.97 3.40
N ILE A 14 5.59 -1.07 2.48
CA ILE A 14 4.56 -0.05 2.67
C ILE A 14 3.79 0.22 1.38
N CYS A 15 2.47 0.13 1.45
CA CYS A 15 1.62 0.36 0.29
C CYS A 15 1.62 1.84 -0.09
N ASN A 16 1.44 2.11 -1.38
CA ASN A 16 1.42 3.49 -1.87
C ASN A 16 0.01 3.89 -2.31
N GLU A 17 -0.78 2.90 -2.71
CA GLU A 17 -2.14 3.16 -3.15
C GLU A 17 -2.96 3.79 -2.03
N CYS A 18 -2.93 3.18 -0.86
CA CYS A 18 -3.66 3.68 0.29
C CYS A 18 -2.72 4.34 1.31
N GLY A 19 -1.60 3.69 1.56
CA GLY A 19 -0.63 4.22 2.50
C GLY A 19 -0.56 3.41 3.78
N LYS A 20 -0.51 2.09 3.65
CA LYS A 20 -0.45 1.21 4.81
C LYS A 20 0.93 0.59 4.95
N SER A 21 1.21 0.01 6.11
CA SER A 21 2.50 -0.62 6.37
C SER A 21 2.32 -2.08 6.74
N PHE A 22 3.32 -2.90 6.42
CA PHE A 22 3.28 -4.32 6.72
C PHE A 22 4.66 -4.83 7.15
N ILE A 23 4.71 -6.09 7.56
CA ILE A 23 5.97 -6.69 8.00
C ILE A 23 6.47 -7.70 6.97
N GLN A 24 5.56 -8.57 6.51
CA GLN A 24 5.93 -9.58 5.52
C GLN A 24 5.67 -9.07 4.10
N LYS A 25 6.34 -9.67 3.13
CA LYS A 25 6.20 -9.28 1.74
C LYS A 25 4.87 -9.78 1.18
N SER A 26 4.54 -11.04 1.44
CA SER A 26 3.30 -11.62 0.96
C SER A 26 2.10 -10.83 1.45
N HIS A 27 2.17 -10.38 2.70
CA HIS A 27 1.08 -9.61 3.29
C HIS A 27 0.75 -8.39 2.43
N LEU A 28 1.79 -7.66 2.03
CA LEU A 28 1.61 -6.47 1.21
C LEU A 28 1.18 -6.85 -0.20
N ASN A 29 1.98 -7.68 -0.87
CA ASN A 29 1.68 -8.11 -2.22
C ASN A 29 0.26 -8.67 -2.31
N ARG A 30 -0.23 -9.21 -1.19
CA ARG A 30 -1.57 -9.78 -1.15
C ARG A 30 -2.59 -8.72 -0.77
N HIS A 31 -2.12 -7.61 -0.22
CA HIS A 31 -3.00 -6.52 0.18
C HIS A 31 -3.23 -5.55 -0.97
N ARG A 32 -2.14 -5.12 -1.60
CA ARG A 32 -2.22 -4.18 -2.72
C ARG A 32 -3.32 -4.60 -3.69
N ARG A 33 -3.50 -5.91 -3.85
CA ARG A 33 -4.52 -6.44 -4.75
C ARG A 33 -5.87 -5.77 -4.49
N ILE A 34 -6.25 -5.67 -3.22
CA ILE A 34 -7.51 -5.05 -2.85
C ILE A 34 -7.87 -3.91 -3.78
N HIS A 35 -6.87 -3.09 -4.10
CA HIS A 35 -7.08 -1.95 -4.99
C HIS A 35 -7.32 -2.41 -6.43
N THR A 36 -6.32 -3.07 -7.01
CA THR A 36 -6.42 -3.57 -8.38
C THR A 36 -6.96 -4.99 -8.40
N GLY A 37 -8.07 -5.18 -9.11
CA GLY A 37 -8.65 -6.51 -9.20
C GLY A 37 -9.90 -6.53 -10.07
N GLU A 38 -10.90 -7.30 -9.65
CA GLU A 38 -12.15 -7.40 -10.41
C GLU A 38 -13.36 -7.27 -9.48
N LYS A 39 -13.81 -6.03 -9.29
CA LYS A 39 -14.95 -5.76 -8.44
C LYS A 39 -16.24 -5.63 -9.26
N PRO A 40 -17.35 -6.12 -8.71
CA PRO A 40 -18.66 -6.06 -9.37
C PRO A 40 -19.20 -4.64 -9.46
N SER A 41 -19.22 -3.95 -8.32
CA SER A 41 -19.72 -2.58 -8.26
C SER A 41 -18.94 -1.77 -7.25
N GLY A 42 -18.60 -0.53 -7.63
CA GLY A 42 -17.85 0.34 -6.74
C GLY A 42 -17.99 1.80 -7.12
N PRO A 43 -17.99 2.68 -6.10
CA PRO A 43 -18.12 4.12 -6.31
C PRO A 43 -16.88 4.73 -6.95
N SER A 44 -15.74 4.06 -6.80
CA SER A 44 -14.49 4.53 -7.37
C SER A 44 -14.40 6.06 -7.28
N SER A 45 -14.88 6.61 -6.18
CA SER A 45 -14.85 8.04 -5.96
C SER A 45 -14.27 8.38 -4.59
N GLY A 46 -13.69 9.57 -4.47
CA GLY A 46 -13.11 9.99 -3.21
C GLY A 46 -13.49 11.42 -2.84
N GLY A 1 -3.00 28.03 5.95
CA GLY A 1 -2.69 26.62 6.09
C GLY A 1 -1.24 26.31 5.79
N SER A 2 -1.01 25.62 4.67
CA SER A 2 0.35 25.25 4.28
C SER A 2 1.07 24.54 5.42
N SER A 3 0.35 23.64 6.10
CA SER A 3 0.91 22.89 7.21
C SER A 3 0.52 21.42 7.13
N GLY A 4 1.28 20.57 7.81
CA GLY A 4 1.00 19.15 7.80
C GLY A 4 2.01 18.35 7.02
N SER A 5 1.57 17.71 5.94
CA SER A 5 2.45 16.91 5.10
C SER A 5 3.28 15.95 5.95
N SER A 6 2.63 15.32 6.93
CA SER A 6 3.31 14.39 7.82
C SER A 6 3.02 12.95 7.42
N GLY A 7 4.03 12.08 7.54
CA GLY A 7 3.86 10.70 7.18
C GLY A 7 5.17 9.94 7.18
N THR A 8 5.87 9.96 8.31
CA THR A 8 7.15 9.28 8.44
C THR A 8 6.98 7.78 8.34
N GLY A 9 7.76 7.15 7.46
CA GLY A 9 7.68 5.71 7.28
C GLY A 9 8.93 5.00 7.74
N GLU A 10 8.79 4.16 8.76
CA GLU A 10 9.92 3.41 9.30
C GLU A 10 9.68 1.91 9.19
N LYS A 11 9.18 1.47 8.04
CA LYS A 11 8.90 0.06 7.82
C LYS A 11 9.49 -0.41 6.49
N PRO A 12 9.83 -1.70 6.41
CA PRO A 12 10.40 -2.30 5.20
C PRO A 12 9.40 -2.40 4.07
N TYR A 13 8.19 -2.84 4.39
CA TYR A 13 7.13 -2.98 3.40
C TYR A 13 6.04 -1.93 3.60
N ILE A 14 5.74 -1.19 2.55
CA ILE A 14 4.72 -0.15 2.62
C ILE A 14 3.97 -0.03 1.30
N CYS A 15 2.65 -0.02 1.38
CA CYS A 15 1.80 0.09 0.19
C CYS A 15 1.82 1.51 -0.36
N ASN A 16 2.36 1.66 -1.56
CA ASN A 16 2.45 2.97 -2.21
C ASN A 16 1.15 3.30 -2.94
N GLU A 17 0.06 2.67 -2.52
CA GLU A 17 -1.24 2.89 -3.13
C GLU A 17 -2.20 3.59 -2.17
N CYS A 18 -2.18 3.15 -0.91
CA CYS A 18 -3.05 3.73 0.11
C CYS A 18 -2.22 4.35 1.23
N GLY A 19 -1.15 3.67 1.63
CA GLY A 19 -0.29 4.17 2.68
C GLY A 19 -0.32 3.30 3.92
N LYS A 20 -0.20 1.99 3.73
CA LYS A 20 -0.21 1.05 4.83
C LYS A 20 1.15 0.36 4.98
N SER A 21 1.46 -0.08 6.19
CA SER A 21 2.72 -0.76 6.46
C SER A 21 2.49 -2.22 6.84
N PHE A 22 3.47 -3.06 6.53
CA PHE A 22 3.37 -4.48 6.84
C PHE A 22 4.74 -5.06 7.20
N ILE A 23 4.74 -6.22 7.83
CA ILE A 23 5.97 -6.87 8.24
C ILE A 23 6.32 -8.03 7.31
N GLN A 24 5.31 -8.54 6.61
CA GLN A 24 5.51 -9.65 5.68
C GLN A 24 5.41 -9.16 4.23
N LYS A 25 6.40 -9.52 3.42
CA LYS A 25 6.43 -9.13 2.03
C LYS A 25 5.16 -9.57 1.31
N SER A 26 4.68 -10.76 1.64
CA SER A 26 3.47 -11.30 1.03
C SER A 26 2.25 -10.47 1.41
N HIS A 27 2.06 -10.28 2.72
CA HIS A 27 0.93 -9.50 3.22
C HIS A 27 0.69 -8.27 2.35
N LEU A 28 1.77 -7.58 1.98
CA LEU A 28 1.67 -6.39 1.15
C LEU A 28 1.31 -6.76 -0.28
N ASN A 29 2.13 -7.60 -0.90
CA ASN A 29 1.91 -8.03 -2.27
C ASN A 29 0.49 -8.56 -2.44
N ARG A 30 -0.10 -9.04 -1.35
CA ARG A 30 -1.45 -9.58 -1.38
C ARG A 30 -2.48 -8.48 -1.14
N HIS A 31 -2.26 -7.66 -0.11
CA HIS A 31 -3.16 -6.56 0.21
C HIS A 31 -3.47 -5.73 -1.03
N ARG A 32 -2.45 -5.45 -1.82
CA ARG A 32 -2.61 -4.67 -3.04
C ARG A 32 -3.78 -5.17 -3.86
N ARG A 33 -4.12 -6.45 -3.68
CA ARG A 33 -5.22 -7.07 -4.41
C ARG A 33 -6.45 -6.15 -4.40
N ILE A 34 -6.58 -5.35 -3.36
CA ILE A 34 -7.70 -4.43 -3.24
C ILE A 34 -7.58 -3.27 -4.22
N HIS A 35 -6.35 -2.83 -4.46
CA HIS A 35 -6.09 -1.73 -5.37
C HIS A 35 -6.09 -2.22 -6.82
N THR A 36 -5.06 -2.97 -7.18
CA THR A 36 -4.93 -3.50 -8.54
C THR A 36 -6.21 -4.23 -8.95
N GLY A 37 -7.10 -3.53 -9.64
CA GLY A 37 -8.34 -4.13 -10.07
C GLY A 37 -9.10 -3.25 -11.05
N GLU A 38 -10.31 -2.85 -10.66
CA GLU A 38 -11.14 -2.00 -11.50
C GLU A 38 -10.34 -0.84 -12.08
N LYS A 39 -10.52 -0.57 -13.36
CA LYS A 39 -9.81 0.51 -14.03
C LYS A 39 -9.58 1.68 -13.08
N PRO A 40 -8.42 2.34 -13.22
CA PRO A 40 -8.05 3.49 -12.38
C PRO A 40 -8.89 4.72 -12.68
N SER A 41 -9.40 4.80 -13.91
CA SER A 41 -10.22 5.94 -14.32
C SER A 41 -9.61 7.25 -13.85
N GLY A 42 -8.28 7.30 -13.78
CA GLY A 42 -7.60 8.49 -13.35
C GLY A 42 -7.45 9.51 -14.46
N PRO A 43 -7.48 10.81 -14.09
CA PRO A 43 -7.35 11.91 -15.06
C PRO A 43 -5.94 12.00 -15.64
N SER A 44 -5.01 11.25 -15.06
CA SER A 44 -3.63 11.26 -15.52
C SER A 44 -3.12 9.84 -15.72
N SER A 45 -3.91 9.02 -16.42
CA SER A 45 -3.54 7.64 -16.68
C SER A 45 -2.66 7.53 -17.92
N GLY A 46 -1.63 8.37 -17.97
CA GLY A 46 -0.72 8.36 -19.11
C GLY A 46 -0.29 9.75 -19.53
N GLY A 1 7.16 25.11 7.15
CA GLY A 1 8.13 24.08 7.51
C GLY A 1 8.02 23.68 8.97
N SER A 2 8.62 22.55 9.32
CA SER A 2 8.59 22.04 10.69
C SER A 2 9.67 21.00 10.90
N SER A 3 9.99 20.73 12.17
CA SER A 3 11.01 19.75 12.52
C SER A 3 10.78 19.22 13.93
N GLY A 4 11.54 18.19 14.29
CA GLY A 4 11.41 17.59 15.61
C GLY A 4 11.55 16.08 15.59
N SER A 5 12.27 15.54 16.56
CA SER A 5 12.49 14.10 16.64
C SER A 5 11.16 13.36 16.79
N SER A 6 10.77 12.64 15.74
CA SER A 6 9.52 11.89 15.75
C SER A 6 9.46 10.92 14.58
N GLY A 7 8.87 9.75 14.82
CA GLY A 7 8.76 8.74 13.78
C GLY A 7 8.80 7.33 14.32
N THR A 8 7.71 6.59 14.13
CA THR A 8 7.63 5.22 14.62
C THR A 8 7.10 4.29 13.52
N GLY A 9 7.95 3.35 13.09
CA GLY A 9 7.54 2.41 12.06
C GLY A 9 8.71 1.93 11.23
N GLU A 10 9.34 2.86 10.50
CA GLU A 10 10.47 2.52 9.66
C GLU A 10 10.31 1.12 9.05
N LYS A 11 9.11 0.83 8.57
CA LYS A 11 8.82 -0.47 7.97
C LYS A 11 9.33 -0.54 6.53
N PRO A 12 9.82 -1.72 6.14
CA PRO A 12 10.35 -1.94 4.78
C PRO A 12 9.26 -1.91 3.72
N TYR A 13 8.13 -2.56 4.02
CA TYR A 13 7.02 -2.61 3.09
C TYR A 13 5.95 -1.58 3.45
N ILE A 14 5.70 -0.67 2.52
CA ILE A 14 4.69 0.38 2.74
C ILE A 14 3.94 0.70 1.45
N CYS A 15 2.63 0.56 1.49
CA CYS A 15 1.80 0.84 0.33
C CYS A 15 1.56 2.34 0.17
N ASN A 16 2.27 2.95 -0.78
CA ASN A 16 2.13 4.38 -1.02
C ASN A 16 0.75 4.72 -1.57
N GLU A 17 0.14 3.75 -2.24
CA GLU A 17 -1.19 3.94 -2.81
C GLU A 17 -2.19 4.37 -1.74
N CYS A 18 -2.21 3.65 -0.63
CA CYS A 18 -3.11 3.96 0.48
C CYS A 18 -2.35 4.51 1.67
N GLY A 19 -1.27 3.83 2.04
CA GLY A 19 -0.46 4.26 3.16
C GLY A 19 -0.47 3.26 4.30
N LYS A 20 -0.53 1.97 3.96
CA LYS A 20 -0.53 0.91 4.95
C LYS A 20 0.82 0.21 5.02
N SER A 21 1.21 -0.21 6.22
CA SER A 21 2.48 -0.88 6.42
C SER A 21 2.27 -2.38 6.61
N PHE A 22 3.33 -3.15 6.40
CA PHE A 22 3.27 -4.60 6.56
C PHE A 22 4.62 -5.16 6.97
N ILE A 23 4.59 -6.25 7.74
CA ILE A 23 5.83 -6.88 8.20
C ILE A 23 6.27 -7.99 7.25
N GLN A 24 5.30 -8.71 6.71
CA GLN A 24 5.60 -9.80 5.77
C GLN A 24 5.49 -9.31 4.33
N LYS A 25 6.37 -9.84 3.47
CA LYS A 25 6.37 -9.47 2.07
C LYS A 25 5.08 -9.90 1.38
N SER A 26 4.65 -11.12 1.66
CA SER A 26 3.42 -11.65 1.07
C SER A 26 2.21 -10.80 1.45
N HIS A 27 2.13 -10.46 2.74
CA HIS A 27 1.02 -9.65 3.24
C HIS A 27 0.81 -8.42 2.36
N LEU A 28 1.89 -7.72 2.06
CA LEU A 28 1.82 -6.52 1.22
C LEU A 28 1.36 -6.87 -0.19
N ASN A 29 2.16 -7.68 -0.90
CA ASN A 29 1.82 -8.08 -2.26
C ASN A 29 0.37 -8.52 -2.35
N ARG A 30 -0.13 -9.15 -1.29
CA ARG A 30 -1.51 -9.62 -1.26
C ARG A 30 -2.47 -8.46 -1.07
N HIS A 31 -2.20 -7.64 -0.06
CA HIS A 31 -3.05 -6.48 0.24
C HIS A 31 -3.33 -5.68 -1.02
N ARG A 32 -2.29 -5.45 -1.82
CA ARG A 32 -2.43 -4.69 -3.06
C ARG A 32 -3.66 -5.15 -3.84
N ARG A 33 -4.06 -6.40 -3.63
CA ARG A 33 -5.21 -6.97 -4.31
C ARG A 33 -6.38 -5.99 -4.30
N ILE A 34 -6.45 -5.16 -3.25
CA ILE A 34 -7.51 -4.18 -3.12
C ILE A 34 -7.43 -3.13 -4.21
N HIS A 35 -6.21 -2.73 -4.56
CA HIS A 35 -5.99 -1.73 -5.59
C HIS A 35 -6.09 -2.35 -6.98
N THR A 36 -5.54 -3.55 -7.13
CA THR A 36 -5.57 -4.25 -8.40
C THR A 36 -6.54 -5.42 -8.37
N GLY A 37 -7.58 -5.36 -9.21
CA GLY A 37 -8.57 -6.40 -9.27
C GLY A 37 -8.81 -6.91 -10.68
N GLU A 38 -9.32 -6.03 -11.53
CA GLU A 38 -9.59 -6.40 -12.91
C GLU A 38 -8.30 -6.47 -13.73
N LYS A 39 -8.27 -7.38 -14.70
CA LYS A 39 -7.10 -7.56 -15.55
C LYS A 39 -7.13 -6.58 -16.71
N PRO A 40 -5.96 -6.04 -17.08
CA PRO A 40 -5.84 -5.09 -18.18
C PRO A 40 -6.04 -5.75 -19.54
N SER A 41 -5.69 -5.04 -20.61
CA SER A 41 -5.84 -5.56 -21.96
C SER A 41 -7.27 -6.05 -22.19
N GLY A 42 -8.24 -5.26 -21.77
CA GLY A 42 -9.63 -5.63 -21.94
C GLY A 42 -9.92 -7.03 -21.40
N PRO A 43 -11.18 -7.48 -21.59
CA PRO A 43 -11.61 -8.80 -21.12
C PRO A 43 -10.97 -9.94 -21.92
N SER A 44 -11.42 -11.16 -21.66
CA SER A 44 -10.89 -12.33 -22.36
C SER A 44 -11.13 -12.23 -23.86
N SER A 45 -10.04 -12.08 -24.61
CA SER A 45 -10.13 -11.97 -26.06
C SER A 45 -9.47 -13.16 -26.74
N GLY A 46 -9.70 -14.35 -26.19
CA GLY A 46 -9.11 -15.54 -26.77
C GLY A 46 -9.55 -16.81 -26.03
N GLY A 1 11.81 9.47 0.29
CA GLY A 1 11.57 10.27 1.48
C GLY A 1 11.38 9.41 2.72
N SER A 2 11.26 10.05 3.87
CA SER A 2 11.09 9.34 5.13
C SER A 2 10.61 10.29 6.23
N SER A 3 10.22 9.72 7.36
CA SER A 3 9.75 10.52 8.49
C SER A 3 10.72 10.43 9.66
N GLY A 4 10.42 11.18 10.73
CA GLY A 4 11.27 11.17 11.90
C GLY A 4 10.50 11.42 13.18
N SER A 5 9.45 10.64 13.39
CA SER A 5 8.62 10.79 14.59
C SER A 5 8.24 9.42 15.15
N SER A 6 8.26 9.32 16.47
CA SER A 6 7.92 8.07 17.15
C SER A 6 6.41 7.87 17.21
N GLY A 7 5.97 6.62 17.07
CA GLY A 7 4.55 6.32 17.10
C GLY A 7 4.17 5.23 16.14
N THR A 8 4.57 5.38 14.88
CA THR A 8 4.26 4.39 13.85
C THR A 8 5.50 3.64 13.40
N GLY A 9 5.43 2.31 13.43
CA GLY A 9 6.56 1.51 13.03
C GLY A 9 7.18 1.97 11.72
N GLU A 10 8.45 1.63 11.51
CA GLU A 10 9.15 2.01 10.30
C GLU A 10 9.37 0.81 9.39
N LYS A 11 8.32 0.01 9.22
CA LYS A 11 8.38 -1.17 8.37
C LYS A 11 8.88 -0.81 6.97
N PRO A 12 9.67 -1.71 6.37
CA PRO A 12 10.22 -1.51 5.02
C PRO A 12 9.15 -1.58 3.94
N TYR A 13 8.17 -2.46 4.14
CA TYR A 13 7.08 -2.63 3.18
C TYR A 13 5.93 -1.68 3.48
N ILE A 14 5.60 -0.82 2.52
CA ILE A 14 4.52 0.14 2.69
C ILE A 14 3.76 0.35 1.39
N CYS A 15 2.47 0.05 1.40
CA CYS A 15 1.63 0.21 0.22
C CYS A 15 1.74 1.63 -0.34
N ASN A 16 1.86 1.74 -1.65
CA ASN A 16 1.97 3.03 -2.31
C ASN A 16 0.66 3.41 -2.99
N GLU A 17 -0.44 2.83 -2.52
CA GLU A 17 -1.76 3.11 -3.08
C GLU A 17 -2.67 3.77 -2.05
N CYS A 18 -2.63 3.26 -0.83
CA CYS A 18 -3.45 3.79 0.26
C CYS A 18 -2.58 4.38 1.36
N GLY A 19 -1.46 3.72 1.63
CA GLY A 19 -0.55 4.19 2.67
C GLY A 19 -0.54 3.28 3.88
N LYS A 20 -0.41 1.98 3.63
CA LYS A 20 -0.38 1.00 4.71
C LYS A 20 1.00 0.39 4.85
N SER A 21 1.22 -0.35 5.93
CA SER A 21 2.51 -0.98 6.19
C SER A 21 2.33 -2.48 6.46
N PHE A 22 3.44 -3.21 6.44
CA PHE A 22 3.41 -4.65 6.68
C PHE A 22 4.79 -5.16 7.08
N ILE A 23 4.84 -6.41 7.54
CA ILE A 23 6.10 -7.02 7.97
C ILE A 23 6.43 -8.23 7.10
N GLN A 24 5.47 -8.65 6.28
CA GLN A 24 5.66 -9.81 5.41
C GLN A 24 5.40 -9.43 3.95
N LYS A 25 6.43 -9.56 3.13
CA LYS A 25 6.31 -9.25 1.71
C LYS A 25 5.00 -9.77 1.14
N SER A 26 4.59 -10.95 1.58
CA SER A 26 3.36 -11.56 1.11
C SER A 26 2.15 -10.72 1.52
N HIS A 27 2.09 -10.36 2.79
CA HIS A 27 0.99 -9.54 3.29
C HIS A 27 0.73 -8.34 2.40
N LEU A 28 1.81 -7.64 2.03
CA LEU A 28 1.70 -6.47 1.18
C LEU A 28 1.29 -6.87 -0.23
N ASN A 29 2.04 -7.78 -0.84
CA ASN A 29 1.74 -8.25 -2.18
C ASN A 29 0.28 -8.68 -2.30
N ARG A 30 -0.29 -9.13 -1.19
CA ARG A 30 -1.68 -9.57 -1.16
C ARG A 30 -2.63 -8.40 -0.97
N HIS A 31 -2.40 -7.63 0.09
CA HIS A 31 -3.24 -6.46 0.39
C HIS A 31 -3.38 -5.57 -0.84
N ARG A 32 -2.27 -5.34 -1.53
CA ARG A 32 -2.27 -4.49 -2.72
C ARG A 32 -3.33 -4.97 -3.72
N ARG A 33 -3.72 -6.24 -3.59
CA ARG A 33 -4.73 -6.81 -4.48
C ARG A 33 -5.99 -5.95 -4.51
N ILE A 34 -6.34 -5.40 -3.36
CA ILE A 34 -7.54 -4.56 -3.24
C ILE A 34 -7.47 -3.39 -4.21
N HIS A 35 -6.25 -3.02 -4.61
CA HIS A 35 -6.05 -1.92 -5.55
C HIS A 35 -5.87 -2.43 -6.97
N THR A 36 -4.73 -3.07 -7.22
CA THR A 36 -4.42 -3.61 -8.54
C THR A 36 -5.64 -4.31 -9.14
N GLY A 37 -5.74 -4.28 -10.46
CA GLY A 37 -6.85 -4.92 -11.14
C GLY A 37 -7.35 -4.12 -12.32
N GLU A 38 -8.23 -4.72 -13.12
CA GLU A 38 -8.77 -4.05 -14.30
C GLU A 38 -9.74 -2.94 -13.89
N LYS A 39 -9.45 -1.73 -14.35
CA LYS A 39 -10.29 -0.58 -14.04
C LYS A 39 -11.02 -0.08 -15.29
N PRO A 40 -12.30 0.29 -15.11
CA PRO A 40 -13.13 0.80 -16.21
C PRO A 40 -12.68 2.17 -16.69
N SER A 41 -11.69 2.74 -16.02
CA SER A 41 -11.18 4.05 -16.38
C SER A 41 -10.73 4.08 -17.84
N GLY A 42 -9.71 3.28 -18.16
CA GLY A 42 -9.21 3.23 -19.52
C GLY A 42 -7.87 2.53 -19.62
N PRO A 43 -7.59 1.94 -20.78
CA PRO A 43 -6.34 1.22 -21.03
C PRO A 43 -5.14 2.16 -21.11
N SER A 44 -5.41 3.46 -21.12
CA SER A 44 -4.36 4.46 -21.19
C SER A 44 -3.60 4.55 -19.88
N SER A 45 -2.85 3.49 -19.56
CA SER A 45 -2.08 3.45 -18.33
C SER A 45 -0.93 2.45 -18.44
N GLY A 46 0.19 2.77 -17.79
CA GLY A 46 1.35 1.90 -17.83
C GLY A 46 1.29 0.82 -16.77
N GLY A 1 -7.84 19.99 14.36
CA GLY A 1 -7.48 18.73 14.96
C GLY A 1 -8.62 18.10 15.73
N SER A 2 -9.05 16.92 15.28
CA SER A 2 -10.15 16.21 15.93
C SER A 2 -9.65 15.39 17.11
N SER A 3 -8.84 14.38 16.83
CA SER A 3 -8.30 13.51 17.86
C SER A 3 -6.78 13.46 17.78
N GLY A 4 -6.22 14.17 16.81
CA GLY A 4 -4.77 14.19 16.65
C GLY A 4 -4.25 12.94 15.98
N SER A 5 -2.95 12.92 15.70
CA SER A 5 -2.33 11.77 15.05
C SER A 5 -0.84 11.71 15.36
N SER A 6 -0.38 10.55 15.81
CA SER A 6 1.04 10.37 16.14
C SER A 6 1.47 8.93 15.89
N GLY A 7 2.77 8.68 16.03
CA GLY A 7 3.29 7.34 15.81
C GLY A 7 4.10 7.25 14.53
N THR A 8 5.12 6.40 14.54
CA THR A 8 5.98 6.22 13.37
C THR A 8 6.11 4.74 13.02
N GLY A 9 6.46 4.47 11.76
CA GLY A 9 6.61 3.09 11.31
C GLY A 9 7.71 2.95 10.27
N GLU A 10 8.84 2.38 10.68
CA GLU A 10 9.96 2.18 9.77
C GLU A 10 9.91 0.80 9.14
N LYS A 11 8.71 0.39 8.71
CA LYS A 11 8.52 -0.91 8.09
C LYS A 11 9.11 -0.92 6.68
N PRO A 12 9.60 -2.10 6.26
CA PRO A 12 10.20 -2.27 4.93
C PRO A 12 9.16 -2.18 3.82
N TYR A 13 8.05 -2.88 4.00
CA TYR A 13 6.97 -2.88 3.00
C TYR A 13 5.84 -1.96 3.42
N ILE A 14 5.56 -0.95 2.59
CA ILE A 14 4.50 -0.01 2.88
C ILE A 14 3.72 0.36 1.60
N CYS A 15 2.42 0.07 1.61
CA CYS A 15 1.57 0.37 0.46
C CYS A 15 1.52 1.87 0.19
N ASN A 16 1.44 2.23 -1.08
CA ASN A 16 1.38 3.64 -1.48
C ASN A 16 -0.01 4.00 -1.98
N GLU A 17 -0.80 2.99 -2.35
CA GLU A 17 -2.14 3.21 -2.85
C GLU A 17 -3.04 3.79 -1.76
N CYS A 18 -2.89 3.26 -0.54
CA CYS A 18 -3.69 3.73 0.59
C CYS A 18 -2.78 4.26 1.70
N GLY A 19 -1.69 3.55 1.97
CA GLY A 19 -0.77 3.98 3.01
C GLY A 19 -0.78 3.05 4.20
N LYS A 20 -0.49 1.77 3.96
CA LYS A 20 -0.47 0.77 5.03
C LYS A 20 0.91 0.14 5.14
N SER A 21 1.39 0.00 6.38
CA SER A 21 2.71 -0.60 6.63
C SER A 21 2.56 -2.06 7.03
N PHE A 22 3.39 -2.92 6.42
CA PHE A 22 3.36 -4.34 6.72
C PHE A 22 4.75 -4.85 7.09
N ILE A 23 4.82 -6.10 7.54
CA ILE A 23 6.10 -6.70 7.92
C ILE A 23 6.44 -7.88 7.00
N GLN A 24 5.42 -8.49 6.42
CA GLN A 24 5.60 -9.63 5.53
C GLN A 24 5.41 -9.22 4.07
N LYS A 25 6.40 -9.49 3.25
CA LYS A 25 6.34 -9.16 1.83
C LYS A 25 5.08 -9.72 1.19
N SER A 26 4.74 -10.95 1.56
CA SER A 26 3.55 -11.60 1.02
C SER A 26 2.28 -10.83 1.38
N HIS A 27 2.20 -10.39 2.63
CA HIS A 27 1.05 -9.63 3.11
C HIS A 27 0.79 -8.43 2.20
N LEU A 28 1.81 -7.60 2.02
CA LEU A 28 1.69 -6.41 1.18
C LEU A 28 1.20 -6.77 -0.21
N ASN A 29 1.82 -7.77 -0.82
CA ASN A 29 1.44 -8.22 -2.15
C ASN A 29 0.02 -8.77 -2.16
N ARG A 30 -0.38 -9.38 -1.04
CA ARG A 30 -1.71 -9.96 -0.91
C ARG A 30 -2.75 -8.87 -0.62
N HIS A 31 -2.26 -7.67 -0.30
CA HIS A 31 -3.14 -6.54 0.01
C HIS A 31 -3.28 -5.62 -1.19
N ARG A 32 -2.15 -5.34 -1.85
CA ARG A 32 -2.13 -4.46 -3.01
C ARG A 32 -3.24 -4.85 -3.99
N ARG A 33 -3.72 -6.08 -3.88
CA ARG A 33 -4.77 -6.58 -4.75
C ARG A 33 -6.06 -5.78 -4.57
N ILE A 34 -6.36 -5.44 -3.32
CA ILE A 34 -7.55 -4.68 -3.00
C ILE A 34 -7.70 -3.47 -3.92
N HIS A 35 -6.57 -2.95 -4.38
CA HIS A 35 -6.57 -1.80 -5.28
C HIS A 35 -6.67 -2.23 -6.73
N THR A 36 -5.63 -2.94 -7.20
CA THR A 36 -5.59 -3.41 -8.58
C THR A 36 -6.97 -3.90 -9.03
N GLY A 37 -7.51 -3.26 -10.06
CA GLY A 37 -8.81 -3.64 -10.57
C GLY A 37 -9.91 -3.48 -9.54
N GLU A 38 -11.02 -2.88 -9.94
CA GLU A 38 -12.15 -2.67 -9.03
C GLU A 38 -11.71 -1.91 -7.78
N LYS A 39 -10.88 -0.89 -7.97
CA LYS A 39 -10.39 -0.08 -6.86
C LYS A 39 -11.54 0.45 -6.03
N PRO A 40 -11.36 0.44 -4.70
CA PRO A 40 -12.38 0.93 -3.76
C PRO A 40 -12.54 2.45 -3.82
N SER A 41 -13.54 2.96 -3.11
CA SER A 41 -13.80 4.39 -3.08
C SER A 41 -14.17 4.86 -1.67
N GLY A 42 -13.59 5.97 -1.26
CA GLY A 42 -13.86 6.51 0.07
C GLY A 42 -13.50 7.97 0.19
N PRO A 43 -14.24 8.70 1.04
CA PRO A 43 -14.02 10.13 1.26
C PRO A 43 -12.72 10.40 2.01
N SER A 44 -11.62 10.49 1.26
CA SER A 44 -10.31 10.74 1.85
C SER A 44 -10.20 12.19 2.32
N SER A 45 -9.58 12.39 3.49
CA SER A 45 -9.42 13.73 4.05
C SER A 45 -7.97 14.19 3.90
N GLY A 46 -7.05 13.45 4.49
CA GLY A 46 -5.64 13.81 4.41
C GLY A 46 -5.19 14.65 5.58
N GLY A 1 12.37 18.65 -1.57
CA GLY A 1 12.82 19.65 -0.62
C GLY A 1 12.39 19.32 0.80
N SER A 2 12.45 20.33 1.68
CA SER A 2 12.07 20.13 3.07
C SER A 2 10.56 20.29 3.26
N SER A 3 9.84 19.19 3.07
CA SER A 3 8.39 19.19 3.21
C SER A 3 7.94 18.27 4.34
N GLY A 4 7.23 18.83 5.32
CA GLY A 4 6.75 18.04 6.43
C GLY A 4 6.10 16.75 6.00
N SER A 5 5.74 15.90 6.96
CA SER A 5 5.11 14.63 6.67
C SER A 5 4.62 13.96 7.95
N SER A 6 3.69 13.01 7.79
CA SER A 6 3.13 12.30 8.94
C SER A 6 4.24 11.67 9.77
N GLY A 7 3.87 11.16 10.95
CA GLY A 7 4.84 10.53 11.82
C GLY A 7 5.89 9.74 11.07
N THR A 8 7.15 10.03 11.32
CA THR A 8 8.24 9.34 10.65
C THR A 8 8.16 7.83 10.89
N GLY A 9 8.63 7.06 9.91
CA GLY A 9 8.61 5.61 10.02
C GLY A 9 9.56 4.94 9.06
N GLU A 10 10.21 3.88 9.52
CA GLU A 10 11.15 3.14 8.68
C GLU A 10 10.75 1.67 8.56
N LYS A 11 9.74 1.41 7.74
CA LYS A 11 9.25 0.05 7.54
C LYS A 11 9.79 -0.54 6.23
N PRO A 12 9.96 -1.87 6.21
CA PRO A 12 10.47 -2.57 5.03
C PRO A 12 9.47 -2.58 3.88
N TYR A 13 8.21 -2.88 4.20
CA TYR A 13 7.16 -2.92 3.19
C TYR A 13 6.08 -1.89 3.49
N ILE A 14 5.83 -1.01 2.52
CA ILE A 14 4.83 0.02 2.69
C ILE A 14 4.01 0.20 1.41
N CYS A 15 2.69 0.18 1.55
CA CYS A 15 1.80 0.35 0.40
C CYS A 15 1.79 1.79 -0.07
N ASN A 16 1.87 1.97 -1.39
CA ASN A 16 1.87 3.31 -1.97
C ASN A 16 0.50 3.65 -2.55
N GLU A 17 -0.40 2.68 -2.51
CA GLU A 17 -1.76 2.87 -3.03
C GLU A 17 -2.64 3.59 -2.01
N CYS A 18 -2.54 3.15 -0.75
CA CYS A 18 -3.33 3.75 0.32
C CYS A 18 -2.42 4.41 1.35
N GLY A 19 -1.32 3.74 1.69
CA GLY A 19 -0.39 4.28 2.66
C GLY A 19 -0.33 3.46 3.93
N LYS A 20 -0.45 2.14 3.79
CA LYS A 20 -0.40 1.24 4.93
C LYS A 20 1.01 0.67 5.13
N SER A 21 1.16 -0.16 6.15
CA SER A 21 2.45 -0.77 6.46
C SER A 21 2.30 -2.26 6.74
N PHE A 22 3.33 -3.02 6.40
CA PHE A 22 3.32 -4.46 6.62
C PHE A 22 4.71 -4.97 6.97
N ILE A 23 4.76 -6.09 7.70
CA ILE A 23 6.02 -6.68 8.10
C ILE A 23 6.46 -7.77 7.12
N GLN A 24 5.48 -8.49 6.57
CA GLN A 24 5.76 -9.56 5.63
C GLN A 24 5.51 -9.11 4.19
N LYS A 25 6.41 -9.48 3.30
CA LYS A 25 6.29 -9.10 1.89
C LYS A 25 4.96 -9.57 1.32
N SER A 26 4.70 -10.87 1.41
CA SER A 26 3.46 -11.44 0.90
C SER A 26 2.25 -10.70 1.44
N HIS A 27 2.29 -10.39 2.73
CA HIS A 27 1.19 -9.67 3.38
C HIS A 27 0.88 -8.38 2.64
N LEU A 28 1.89 -7.81 1.98
CA LEU A 28 1.72 -6.58 1.24
C LEU A 28 1.16 -6.85 -0.16
N ASN A 29 1.92 -7.61 -0.95
CA ASN A 29 1.51 -7.94 -2.31
C ASN A 29 0.07 -8.43 -2.33
N ARG A 30 -0.33 -9.15 -1.29
CA ARG A 30 -1.69 -9.66 -1.19
C ARG A 30 -2.68 -8.54 -0.91
N HIS A 31 -2.30 -7.63 -0.02
CA HIS A 31 -3.16 -6.51 0.34
C HIS A 31 -3.40 -5.61 -0.86
N ARG A 32 -2.34 -5.32 -1.62
CA ARG A 32 -2.45 -4.48 -2.79
C ARG A 32 -3.51 -5.00 -3.75
N ARG A 33 -3.80 -6.28 -3.65
CA ARG A 33 -4.80 -6.91 -4.51
C ARG A 33 -6.10 -6.09 -4.54
N ILE A 34 -6.38 -5.42 -3.43
CA ILE A 34 -7.57 -4.59 -3.32
C ILE A 34 -7.56 -3.46 -4.34
N HIS A 35 -6.41 -2.79 -4.46
CA HIS A 35 -6.26 -1.69 -5.40
C HIS A 35 -6.20 -2.21 -6.84
N THR A 36 -5.27 -3.13 -7.09
CA THR A 36 -5.12 -3.69 -8.43
C THR A 36 -6.31 -4.56 -8.81
N GLY A 37 -7.17 -4.03 -9.68
CA GLY A 37 -8.35 -4.77 -10.10
C GLY A 37 -8.14 -5.47 -11.43
N GLU A 38 -9.16 -6.17 -11.89
CA GLU A 38 -9.09 -6.89 -13.16
C GLU A 38 -9.53 -6.00 -14.31
N LYS A 39 -9.05 -4.76 -14.30
CA LYS A 39 -9.39 -3.80 -15.35
C LYS A 39 -8.62 -2.49 -15.16
N PRO A 40 -8.14 -1.93 -16.27
CA PRO A 40 -7.38 -0.68 -16.26
C PRO A 40 -8.25 0.53 -15.91
N SER A 41 -8.25 0.90 -14.63
CA SER A 41 -9.05 2.04 -14.16
C SER A 41 -8.19 3.28 -14.04
N GLY A 42 -8.82 4.40 -13.69
CA GLY A 42 -8.10 5.65 -13.55
C GLY A 42 -8.66 6.51 -12.43
N PRO A 43 -9.67 7.32 -12.74
CA PRO A 43 -10.31 8.22 -11.77
C PRO A 43 -11.11 7.45 -10.73
N SER A 44 -11.56 6.24 -11.09
CA SER A 44 -12.35 5.42 -10.20
C SER A 44 -11.90 5.60 -8.74
N SER A 45 -10.61 5.40 -8.50
CA SER A 45 -10.06 5.55 -7.16
C SER A 45 -9.86 7.02 -6.81
N GLY A 46 -9.84 7.32 -5.52
CA GLY A 46 -9.65 8.69 -5.07
C GLY A 46 -8.63 8.79 -3.95
N GLY A 1 12.41 21.86 17.15
CA GLY A 1 11.75 21.19 18.26
C GLY A 1 10.46 20.52 17.84
N SER A 2 10.26 19.28 18.30
CA SER A 2 9.06 18.53 17.96
C SER A 2 8.77 17.47 19.04
N SER A 3 7.53 17.00 19.06
CA SER A 3 7.11 16.00 20.03
C SER A 3 7.92 14.71 19.87
N GLY A 4 7.83 13.82 20.86
CA GLY A 4 8.56 12.58 20.80
C GLY A 4 7.71 11.44 20.28
N SER A 5 6.97 11.69 19.21
CA SER A 5 6.10 10.68 18.62
C SER A 5 5.70 11.08 17.20
N SER A 6 5.76 10.11 16.28
CA SER A 6 5.40 10.36 14.89
C SER A 6 4.04 9.75 14.55
N GLY A 7 3.84 8.51 14.99
CA GLY A 7 2.58 7.83 14.73
C GLY A 7 2.78 6.49 14.03
N THR A 8 3.59 6.49 12.99
CA THR A 8 3.86 5.27 12.23
C THR A 8 5.26 4.75 12.52
N GLY A 9 5.47 3.46 12.26
CA GLY A 9 6.76 2.85 12.50
C GLY A 9 7.58 2.73 11.23
N GLU A 10 8.88 2.46 11.39
CA GLU A 10 9.77 2.31 10.24
C GLU A 10 9.74 0.89 9.70
N LYS A 11 8.91 0.66 8.69
CA LYS A 11 8.79 -0.66 8.08
C LYS A 11 9.21 -0.63 6.62
N PRO A 12 9.81 -1.72 6.15
CA PRO A 12 10.27 -1.84 4.76
C PRO A 12 9.11 -1.95 3.77
N TYR A 13 8.07 -2.65 4.17
CA TYR A 13 6.90 -2.84 3.32
C TYR A 13 5.86 -1.75 3.59
N ILE A 14 5.74 -0.81 2.66
CA ILE A 14 4.79 0.28 2.79
C ILE A 14 4.03 0.51 1.49
N CYS A 15 2.72 0.30 1.53
CA CYS A 15 1.87 0.48 0.36
C CYS A 15 1.74 1.97 0.01
N ASN A 16 2.50 2.41 -0.99
CA ASN A 16 2.46 3.80 -1.43
C ASN A 16 1.10 4.14 -2.04
N GLU A 17 0.45 3.14 -2.61
CA GLU A 17 -0.85 3.34 -3.23
C GLU A 17 -1.84 3.96 -2.25
N CYS A 18 -2.02 3.31 -1.10
CA CYS A 18 -2.93 3.80 -0.08
C CYS A 18 -2.16 4.43 1.07
N GLY A 19 -1.09 3.77 1.51
CA GLY A 19 -0.29 4.30 2.60
C GLY A 19 -0.30 3.40 3.82
N LYS A 20 -0.31 2.09 3.59
CA LYS A 20 -0.33 1.11 4.67
C LYS A 20 1.07 0.56 4.94
N SER A 21 1.16 -0.33 5.90
CA SER A 21 2.44 -0.94 6.25
C SER A 21 2.29 -2.44 6.49
N PHE A 22 3.41 -3.16 6.43
CA PHE A 22 3.40 -4.60 6.65
C PHE A 22 4.78 -5.11 7.07
N ILE A 23 4.86 -6.39 7.40
CA ILE A 23 6.12 -6.98 7.82
C ILE A 23 6.47 -8.18 6.94
N GLN A 24 5.47 -8.72 6.24
CA GLN A 24 5.68 -9.87 5.37
C GLN A 24 5.46 -9.49 3.92
N LYS A 25 6.48 -9.68 3.10
CA LYS A 25 6.40 -9.36 1.67
C LYS A 25 5.11 -9.91 1.06
N SER A 26 4.53 -10.91 1.73
CA SER A 26 3.30 -11.52 1.25
C SER A 26 2.08 -10.68 1.63
N HIS A 27 2.05 -10.25 2.90
CA HIS A 27 0.95 -9.43 3.39
C HIS A 27 0.73 -8.22 2.50
N LEU A 28 1.81 -7.60 2.05
CA LEU A 28 1.73 -6.43 1.20
C LEU A 28 1.34 -6.83 -0.23
N ASN A 29 2.18 -7.63 -0.87
CA ASN A 29 1.92 -8.08 -2.23
C ASN A 29 0.48 -8.57 -2.38
N ARG A 30 -0.06 -9.13 -1.31
CA ARG A 30 -1.43 -9.63 -1.32
C ARG A 30 -2.42 -8.49 -1.11
N HIS A 31 -2.18 -7.67 -0.10
CA HIS A 31 -3.05 -6.55 0.21
C HIS A 31 -3.33 -5.72 -1.04
N ARG A 32 -2.28 -5.47 -1.83
CA ARG A 32 -2.41 -4.70 -3.05
C ARG A 32 -3.60 -5.17 -3.88
N ARG A 33 -4.05 -6.39 -3.61
CA ARG A 33 -5.19 -6.97 -4.33
C ARG A 33 -6.38 -6.03 -4.29
N ILE A 34 -6.45 -5.21 -3.24
CA ILE A 34 -7.55 -4.27 -3.08
C ILE A 34 -7.52 -3.19 -4.16
N HIS A 35 -6.31 -2.87 -4.62
CA HIS A 35 -6.15 -1.86 -5.66
C HIS A 35 -6.28 -2.47 -7.05
N THR A 36 -5.49 -3.51 -7.31
CA THR A 36 -5.52 -4.18 -8.60
C THR A 36 -6.95 -4.50 -9.03
N GLY A 37 -7.16 -4.56 -10.34
CA GLY A 37 -8.50 -4.85 -10.85
C GLY A 37 -8.48 -5.14 -12.34
N GLU A 38 -8.14 -6.36 -12.70
CA GLU A 38 -8.09 -6.76 -14.10
C GLU A 38 -9.49 -7.03 -14.64
N LYS A 39 -9.72 -6.66 -15.89
CA LYS A 39 -11.02 -6.87 -16.53
C LYS A 39 -11.40 -8.34 -16.54
N PRO A 40 -12.69 -8.63 -16.29
CA PRO A 40 -13.20 -10.00 -16.27
C PRO A 40 -13.23 -10.63 -17.65
N SER A 41 -12.67 -11.83 -17.75
CA SER A 41 -12.63 -12.55 -19.02
C SER A 41 -13.99 -12.52 -19.71
N GLY A 42 -14.06 -11.81 -20.83
CA GLY A 42 -15.30 -11.70 -21.57
C GLY A 42 -15.81 -10.28 -21.67
N PRO A 43 -16.78 -10.05 -22.56
CA PRO A 43 -17.37 -8.73 -22.77
C PRO A 43 -18.21 -8.26 -21.59
N SER A 44 -18.22 -6.97 -21.34
CA SER A 44 -18.99 -6.40 -20.24
C SER A 44 -20.30 -7.14 -20.05
N SER A 45 -21.02 -7.36 -21.15
CA SER A 45 -22.30 -8.04 -21.11
C SER A 45 -22.15 -9.43 -20.46
N GLY A 46 -21.17 -10.19 -20.95
CA GLY A 46 -20.94 -11.51 -20.41
C GLY A 46 -20.86 -12.57 -21.48
N GLY A 1 2.82 17.89 -9.45
CA GLY A 1 1.69 17.55 -8.61
C GLY A 1 2.04 17.49 -7.15
N SER A 2 1.04 17.66 -6.29
CA SER A 2 1.26 17.64 -4.84
C SER A 2 1.20 16.22 -4.31
N SER A 3 2.36 15.56 -4.25
CA SER A 3 2.43 14.19 -3.76
C SER A 3 3.80 13.93 -3.13
N GLY A 4 3.97 12.72 -2.60
CA GLY A 4 5.24 12.36 -1.97
C GLY A 4 6.18 11.69 -2.94
N SER A 5 7.37 12.26 -3.09
CA SER A 5 8.38 11.71 -4.00
C SER A 5 9.16 10.59 -3.33
N SER A 6 9.64 10.85 -2.12
CA SER A 6 10.41 9.86 -1.37
C SER A 6 10.00 9.85 0.09
N GLY A 7 9.39 8.75 0.52
CA GLY A 7 8.96 8.64 1.91
C GLY A 7 8.32 7.30 2.21
N THR A 8 9.15 6.31 2.54
CA THR A 8 8.66 4.97 2.84
C THR A 8 8.45 4.80 4.35
N GLY A 9 9.42 5.24 5.13
CA GLY A 9 9.34 5.13 6.57
C GLY A 9 10.27 4.06 7.12
N GLU A 10 10.10 3.73 8.40
CA GLU A 10 10.92 2.72 9.04
C GLU A 10 10.32 1.33 8.86
N LYS A 11 9.79 1.07 7.67
CA LYS A 11 9.18 -0.22 7.36
C LYS A 11 9.66 -0.74 6.00
N PRO A 12 9.84 -2.06 5.90
CA PRO A 12 10.29 -2.70 4.66
C PRO A 12 9.22 -2.66 3.56
N TYR A 13 7.97 -2.81 3.96
CA TYR A 13 6.86 -2.79 3.02
C TYR A 13 5.85 -1.71 3.38
N ILE A 14 5.55 -0.85 2.42
CA ILE A 14 4.60 0.24 2.63
C ILE A 14 3.84 0.56 1.35
N CYS A 15 2.51 0.54 1.43
CA CYS A 15 1.68 0.84 0.28
C CYS A 15 1.59 2.34 0.04
N ASN A 16 1.65 2.73 -1.23
CA ASN A 16 1.59 4.15 -1.60
C ASN A 16 0.18 4.52 -2.06
N GLU A 17 -0.64 3.51 -2.33
CA GLU A 17 -2.00 3.74 -2.79
C GLU A 17 -2.89 4.21 -1.63
N CYS A 18 -2.80 3.52 -0.51
CA CYS A 18 -3.59 3.87 0.67
C CYS A 18 -2.69 4.41 1.78
N GLY A 19 -1.56 3.75 2.00
CA GLY A 19 -0.64 4.19 3.03
C GLY A 19 -0.61 3.23 4.21
N LYS A 20 -0.57 1.94 3.92
CA LYS A 20 -0.53 0.93 4.97
C LYS A 20 0.89 0.41 5.18
N SER A 21 1.08 -0.43 6.19
CA SER A 21 2.38 -1.00 6.49
C SER A 21 2.28 -2.50 6.76
N PHE A 22 3.35 -3.22 6.43
CA PHE A 22 3.38 -4.67 6.63
C PHE A 22 4.80 -5.15 6.90
N ILE A 23 4.92 -6.19 7.71
CA ILE A 23 6.23 -6.74 8.04
C ILE A 23 6.57 -7.93 7.13
N GLN A 24 5.55 -8.51 6.52
CA GLN A 24 5.74 -9.64 5.63
C GLN A 24 5.58 -9.23 4.17
N LYS A 25 6.35 -9.87 3.29
CA LYS A 25 6.30 -9.57 1.87
C LYS A 25 4.95 -9.95 1.27
N SER A 26 4.42 -11.10 1.70
CA SER A 26 3.13 -11.57 1.21
C SER A 26 2.01 -10.65 1.64
N HIS A 27 2.11 -10.11 2.86
CA HIS A 27 1.11 -9.20 3.39
C HIS A 27 0.85 -8.06 2.42
N LEU A 28 1.92 -7.44 1.93
CA LEU A 28 1.79 -6.33 0.99
C LEU A 28 1.33 -6.82 -0.39
N ASN A 29 2.17 -7.62 -1.03
CA ASN A 29 1.83 -8.15 -2.35
C ASN A 29 0.37 -8.56 -2.42
N ARG A 30 -0.14 -9.12 -1.33
CA ARG A 30 -1.53 -9.56 -1.27
C ARG A 30 -2.46 -8.37 -1.02
N HIS A 31 -2.14 -7.60 0.01
CA HIS A 31 -2.95 -6.43 0.37
C HIS A 31 -3.21 -5.56 -0.85
N ARG A 32 -2.16 -5.34 -1.65
CA ARG A 32 -2.26 -4.52 -2.85
C ARG A 32 -3.40 -5.01 -3.75
N ARG A 33 -3.75 -6.28 -3.60
CA ARG A 33 -4.82 -6.87 -4.39
C ARG A 33 -6.06 -5.98 -4.39
N ILE A 34 -6.44 -5.51 -3.21
CA ILE A 34 -7.61 -4.64 -3.07
C ILE A 34 -7.57 -3.51 -4.10
N HIS A 35 -6.37 -3.00 -4.37
CA HIS A 35 -6.20 -1.91 -5.34
C HIS A 35 -6.24 -2.45 -6.76
N THR A 36 -5.17 -3.15 -7.15
CA THR A 36 -5.07 -3.71 -8.48
C THR A 36 -6.32 -4.52 -8.84
N GLY A 37 -7.10 -4.00 -9.77
CA GLY A 37 -8.32 -4.69 -10.19
C GLY A 37 -8.34 -4.97 -11.68
N GLU A 38 -8.35 -6.26 -12.03
CA GLU A 38 -8.37 -6.66 -13.43
C GLU A 38 -9.38 -5.82 -14.23
N LYS A 39 -8.87 -4.81 -14.93
CA LYS A 39 -9.71 -3.94 -15.73
C LYS A 39 -9.70 -4.35 -17.19
N PRO A 40 -10.87 -4.28 -17.84
CA PRO A 40 -11.02 -4.65 -19.26
C PRO A 40 -10.33 -3.65 -20.19
N SER A 41 -9.66 -2.66 -19.60
CA SER A 41 -8.96 -1.66 -20.37
C SER A 41 -7.65 -2.20 -20.93
N GLY A 42 -7.75 -3.28 -21.71
CA GLY A 42 -6.57 -3.89 -22.30
C GLY A 42 -5.39 -3.91 -21.34
N PRO A 43 -4.18 -4.02 -21.90
CA PRO A 43 -2.95 -4.06 -21.10
C PRO A 43 -2.64 -2.71 -20.45
N SER A 44 -1.55 -2.66 -19.68
CA SER A 44 -1.15 -1.43 -19.01
C SER A 44 -0.39 -0.51 -19.96
N SER A 45 -0.42 0.79 -19.66
CA SER A 45 0.26 1.78 -20.49
C SER A 45 1.36 2.47 -19.70
N GLY A 46 2.61 2.18 -20.06
CA GLY A 46 3.74 2.79 -19.38
C GLY A 46 4.25 1.93 -18.23
N GLY A 1 -0.38 19.69 24.39
CA GLY A 1 -1.50 19.29 23.56
C GLY A 1 -1.07 18.57 22.30
N SER A 2 -0.48 17.39 22.47
CA SER A 2 -0.01 16.60 21.33
C SER A 2 0.27 15.16 21.75
N SER A 3 0.10 14.24 20.81
CA SER A 3 0.34 12.82 21.09
C SER A 3 0.93 12.12 19.86
N GLY A 4 2.05 11.44 20.06
CA GLY A 4 2.69 10.74 18.96
C GLY A 4 4.14 11.17 18.78
N SER A 5 4.41 11.86 17.68
CA SER A 5 5.76 12.32 17.38
C SER A 5 6.79 11.28 17.79
N SER A 6 6.49 10.02 17.49
CA SER A 6 7.39 8.92 17.82
C SER A 6 8.79 9.18 17.27
N GLY A 7 8.89 9.31 15.96
CA GLY A 7 10.17 9.56 15.32
C GLY A 7 10.29 8.87 13.98
N THR A 8 11.51 8.81 13.46
CA THR A 8 11.76 8.18 12.17
C THR A 8 11.66 6.66 12.27
N GLY A 9 11.14 6.03 11.23
CA GLY A 9 10.99 4.59 11.22
C GLY A 9 10.15 4.10 10.06
N GLU A 10 10.72 4.18 8.85
CA GLU A 10 10.02 3.73 7.65
C GLU A 10 10.07 2.21 7.52
N LYS A 11 8.90 1.58 7.45
CA LYS A 11 8.82 0.13 7.32
C LYS A 11 9.32 -0.32 5.96
N PRO A 12 9.69 -1.61 5.87
CA PRO A 12 10.20 -2.19 4.62
C PRO A 12 9.12 -2.34 3.56
N TYR A 13 7.95 -2.80 3.98
CA TYR A 13 6.82 -2.98 3.07
C TYR A 13 5.72 -1.97 3.35
N ILE A 14 5.41 -1.14 2.36
CA ILE A 14 4.37 -0.13 2.49
C ILE A 14 3.64 0.10 1.17
N CYS A 15 2.33 -0.13 1.19
CA CYS A 15 1.52 0.05 -0.01
C CYS A 15 1.61 1.49 -0.52
N ASN A 16 2.10 1.65 -1.75
CA ASN A 16 2.25 2.97 -2.34
C ASN A 16 0.97 3.37 -3.09
N GLU A 17 -0.15 2.77 -2.69
CA GLU A 17 -1.43 3.06 -3.34
C GLU A 17 -2.38 3.75 -2.35
N CYS A 18 -2.39 3.25 -1.11
CA CYS A 18 -3.25 3.82 -0.08
C CYS A 18 -2.43 4.38 1.07
N GLY A 19 -1.35 3.67 1.42
CA GLY A 19 -0.49 4.12 2.50
C GLY A 19 -0.51 3.16 3.68
N LYS A 20 -0.48 1.86 3.39
CA LYS A 20 -0.49 0.85 4.44
C LYS A 20 0.92 0.35 4.73
N SER A 21 1.05 -0.46 5.78
CA SER A 21 2.35 -1.01 6.16
C SER A 21 2.23 -2.49 6.51
N PHE A 22 3.35 -3.20 6.44
CA PHE A 22 3.37 -4.63 6.74
C PHE A 22 4.79 -5.09 7.06
N ILE A 23 4.90 -6.32 7.55
CA ILE A 23 6.20 -6.88 7.89
C ILE A 23 6.60 -7.99 6.93
N GLN A 24 5.60 -8.69 6.40
CA GLN A 24 5.84 -9.77 5.45
C GLN A 24 5.59 -9.32 4.02
N LYS A 25 6.55 -9.59 3.14
CA LYS A 25 6.43 -9.22 1.74
C LYS A 25 5.14 -9.74 1.14
N SER A 26 4.70 -10.90 1.61
CA SER A 26 3.48 -11.52 1.11
C SER A 26 2.26 -10.70 1.52
N HIS A 27 2.21 -10.32 2.79
CA HIS A 27 1.10 -9.52 3.32
C HIS A 27 0.83 -8.31 2.44
N LEU A 28 1.89 -7.58 2.11
CA LEU A 28 1.77 -6.39 1.28
C LEU A 28 1.21 -6.74 -0.10
N ASN A 29 1.93 -7.62 -0.82
CA ASN A 29 1.50 -8.03 -2.15
C ASN A 29 0.09 -8.61 -2.11
N ARG A 30 -0.29 -9.17 -0.96
CA ARG A 30 -1.61 -9.75 -0.80
C ARG A 30 -2.66 -8.67 -0.51
N HIS A 31 -2.19 -7.51 -0.08
CA HIS A 31 -3.08 -6.40 0.23
C HIS A 31 -3.24 -5.48 -0.98
N ARG A 32 -2.12 -5.14 -1.61
CA ARG A 32 -2.15 -4.27 -2.79
C ARG A 32 -3.27 -4.67 -3.73
N ARG A 33 -3.54 -5.97 -3.81
CA ARG A 33 -4.58 -6.48 -4.69
C ARG A 33 -5.86 -5.67 -4.54
N ILE A 34 -6.31 -5.48 -3.31
CA ILE A 34 -7.52 -4.72 -3.04
C ILE A 34 -7.69 -3.58 -4.05
N HIS A 35 -6.57 -2.98 -4.45
CA HIS A 35 -6.59 -1.88 -5.40
C HIS A 35 -6.64 -2.42 -6.83
N THR A 36 -5.72 -3.31 -7.17
CA THR A 36 -5.65 -3.89 -8.50
C THR A 36 -6.64 -5.04 -8.65
N GLY A 37 -7.84 -4.85 -8.10
CA GLY A 37 -8.86 -5.88 -8.18
C GLY A 37 -9.66 -6.00 -6.90
N GLU A 38 -10.80 -5.31 -6.85
CA GLU A 38 -11.66 -5.35 -5.67
C GLU A 38 -13.01 -5.96 -6.00
N LYS A 39 -13.08 -7.29 -5.94
CA LYS A 39 -14.31 -8.01 -6.23
C LYS A 39 -14.87 -7.61 -7.59
N PRO A 40 -14.02 -7.73 -8.63
CA PRO A 40 -14.42 -7.39 -10.00
C PRO A 40 -15.42 -8.37 -10.59
N SER A 41 -15.88 -8.09 -11.81
CA SER A 41 -16.86 -8.95 -12.47
C SER A 41 -16.18 -9.81 -13.53
N GLY A 42 -16.26 -11.13 -13.34
CA GLY A 42 -15.64 -12.06 -14.28
C GLY A 42 -16.56 -13.20 -14.64
N PRO A 43 -16.08 -14.10 -15.51
CA PRO A 43 -16.86 -15.27 -15.95
C PRO A 43 -17.04 -16.30 -14.83
N SER A 44 -16.29 -16.13 -13.75
CA SER A 44 -16.38 -17.04 -12.62
C SER A 44 -17.35 -16.52 -11.57
N SER A 45 -17.81 -17.42 -10.70
CA SER A 45 -18.77 -17.06 -9.65
C SER A 45 -18.07 -16.26 -8.55
N GLY A 46 -18.85 -15.44 -7.85
CA GLY A 46 -18.30 -14.64 -6.78
C GLY A 46 -18.23 -15.39 -5.46
N GLY A 1 25.84 8.55 18.33
CA GLY A 1 24.76 7.74 17.77
C GLY A 1 25.09 6.26 17.79
N SER A 2 24.96 5.65 18.97
CA SER A 2 25.24 4.23 19.13
C SER A 2 23.95 3.44 19.37
N SER A 3 23.80 2.33 18.67
CA SER A 3 22.61 1.49 18.80
C SER A 3 22.62 0.75 20.14
N GLY A 4 21.67 1.07 21.00
CA GLY A 4 21.59 0.42 22.30
C GLY A 4 20.18 0.46 22.87
N SER A 5 19.81 1.59 23.47
CA SER A 5 18.49 1.75 24.07
C SER A 5 17.45 2.07 23.01
N SER A 6 17.76 3.05 22.17
CA SER A 6 16.84 3.47 21.10
C SER A 6 16.86 2.46 19.96
N GLY A 7 15.84 1.61 19.92
CA GLY A 7 15.75 0.60 18.87
C GLY A 7 14.47 0.71 18.08
N THR A 8 14.45 1.60 17.09
CA THR A 8 13.28 1.79 16.26
C THR A 8 13.50 1.25 14.85
N GLY A 9 12.47 0.62 14.30
CA GLY A 9 12.57 0.06 12.95
C GLY A 9 11.31 0.27 12.15
N GLU A 10 11.27 1.36 11.39
CA GLU A 10 10.11 1.67 10.56
C GLU A 10 9.81 0.53 9.60
N LYS A 11 8.54 0.13 9.53
CA LYS A 11 8.12 -0.95 8.65
C LYS A 11 8.91 -0.93 7.35
N PRO A 12 9.30 -2.13 6.88
CA PRO A 12 10.07 -2.28 5.64
C PRO A 12 9.25 -1.95 4.41
N TYR A 13 8.04 -2.52 4.34
CA TYR A 13 7.15 -2.29 3.20
C TYR A 13 6.02 -1.35 3.59
N ILE A 14 5.56 -0.55 2.61
CA ILE A 14 4.47 0.39 2.85
C ILE A 14 3.58 0.51 1.61
N CYS A 15 2.27 0.58 1.84
CA CYS A 15 1.31 0.69 0.75
C CYS A 15 1.05 2.16 0.43
N ASN A 16 2.03 2.81 -0.19
CA ASN A 16 1.90 4.21 -0.56
C ASN A 16 0.51 4.51 -1.11
N GLU A 17 -0.07 3.52 -1.79
CA GLU A 17 -1.40 3.67 -2.39
C GLU A 17 -2.39 4.20 -1.35
N CYS A 18 -2.66 3.41 -0.33
CA CYS A 18 -3.59 3.80 0.73
C CYS A 18 -2.84 4.43 1.90
N GLY A 19 -1.73 3.81 2.27
CA GLY A 19 -0.94 4.32 3.39
C GLY A 19 -0.88 3.35 4.55
N LYS A 20 -0.60 2.08 4.25
CA LYS A 20 -0.51 1.06 5.28
C LYS A 20 0.92 0.58 5.45
N SER A 21 1.14 -0.29 6.42
CA SER A 21 2.48 -0.83 6.69
C SER A 21 2.43 -2.35 6.85
N PHE A 22 3.45 -3.01 6.32
CA PHE A 22 3.54 -4.47 6.40
C PHE A 22 4.95 -4.91 6.75
N ILE A 23 5.06 -6.06 7.41
CA ILE A 23 6.36 -6.60 7.81
C ILE A 23 6.77 -7.75 6.90
N GLN A 24 5.78 -8.46 6.37
CA GLN A 24 6.04 -9.59 5.47
C GLN A 24 5.82 -9.20 4.02
N LYS A 25 6.50 -9.90 3.11
CA LYS A 25 6.38 -9.62 1.68
C LYS A 25 4.98 -9.98 1.17
N SER A 26 4.54 -11.21 1.47
CA SER A 26 3.23 -11.67 1.03
C SER A 26 2.14 -10.76 1.56
N HIS A 27 2.21 -10.41 2.84
CA HIS A 27 1.22 -9.55 3.47
C HIS A 27 0.90 -8.36 2.56
N LEU A 28 1.94 -7.73 2.03
CA LEU A 28 1.76 -6.57 1.15
C LEU A 28 1.27 -7.01 -0.22
N ASN A 29 2.07 -7.84 -0.90
CA ASN A 29 1.72 -8.33 -2.23
C ASN A 29 0.25 -8.72 -2.28
N ARG A 30 -0.26 -9.27 -1.19
CA ARG A 30 -1.66 -9.69 -1.12
C ARG A 30 -2.58 -8.49 -1.00
N HIS A 31 -2.29 -7.62 -0.02
CA HIS A 31 -3.10 -6.43 0.19
C HIS A 31 -3.33 -5.68 -1.11
N ARG A 32 -2.25 -5.52 -1.89
CA ARG A 32 -2.34 -4.81 -3.16
C ARG A 32 -3.56 -5.26 -3.95
N ARG A 33 -4.06 -6.46 -3.65
CA ARG A 33 -5.22 -7.00 -4.33
C ARG A 33 -6.35 -5.98 -4.38
N ILE A 34 -6.38 -5.10 -3.39
CA ILE A 34 -7.42 -4.07 -3.32
C ILE A 34 -7.11 -2.92 -4.27
N HIS A 35 -5.83 -2.71 -4.55
CA HIS A 35 -5.40 -1.65 -5.45
C HIS A 35 -5.06 -2.20 -6.84
N THR A 36 -5.94 -3.04 -7.36
CA THR A 36 -5.73 -3.64 -8.67
C THR A 36 -7.05 -3.88 -9.39
N GLY A 37 -7.13 -3.43 -10.63
CA GLY A 37 -8.35 -3.60 -11.40
C GLY A 37 -8.11 -3.53 -12.90
N GLU A 38 -9.07 -2.97 -13.63
CA GLU A 38 -8.95 -2.85 -15.08
C GLU A 38 -8.58 -1.42 -15.47
N LYS A 39 -7.56 -0.88 -14.81
CA LYS A 39 -7.10 0.48 -15.09
C LYS A 39 -5.62 0.49 -15.44
N PRO A 40 -5.21 1.49 -16.23
CA PRO A 40 -3.81 1.65 -16.65
C PRO A 40 -2.90 2.05 -15.50
N SER A 41 -2.08 1.10 -15.04
CA SER A 41 -1.16 1.35 -13.95
C SER A 41 0.23 1.74 -14.47
N GLY A 42 0.87 0.80 -15.15
CA GLY A 42 2.20 1.06 -15.69
C GLY A 42 3.03 1.97 -14.81
N PRO A 43 3.03 3.26 -15.13
CA PRO A 43 3.79 4.26 -14.36
C PRO A 43 3.19 4.51 -12.98
N SER A 44 3.81 5.42 -12.23
CA SER A 44 3.33 5.75 -10.89
C SER A 44 2.55 7.06 -10.89
N SER A 45 1.51 7.13 -10.07
CA SER A 45 0.69 8.33 -9.98
C SER A 45 -0.31 8.22 -8.84
N GLY A 46 -1.04 9.31 -8.58
CA GLY A 46 -2.01 9.30 -7.50
C GLY A 46 -2.57 10.69 -7.23
N GLY A 1 -0.58 23.61 7.94
CA GLY A 1 -1.21 22.90 6.84
C GLY A 1 -0.60 21.52 6.62
N SER A 2 -0.87 20.61 7.55
CA SER A 2 -0.34 19.25 7.45
C SER A 2 -1.38 18.31 6.87
N SER A 3 -1.30 18.08 5.56
CA SER A 3 -2.23 17.20 4.87
C SER A 3 -1.56 15.89 4.49
N GLY A 4 -2.00 14.80 5.11
CA GLY A 4 -1.43 13.50 4.83
C GLY A 4 -0.65 12.94 5.99
N SER A 5 -1.17 13.12 7.20
CA SER A 5 -0.50 12.63 8.40
C SER A 5 -0.31 11.11 8.34
N SER A 6 0.95 10.69 8.27
CA SER A 6 1.27 9.27 8.21
C SER A 6 2.68 9.01 8.74
N GLY A 7 2.90 7.79 9.23
CA GLY A 7 4.20 7.42 9.76
C GLY A 7 4.16 7.17 11.25
N THR A 8 3.98 5.89 11.63
CA THR A 8 3.92 5.51 13.02
C THR A 8 4.90 4.38 13.33
N GLY A 9 5.75 4.07 12.36
CA GLY A 9 6.72 3.01 12.55
C GLY A 9 7.64 2.85 11.36
N GLU A 10 8.83 2.30 11.59
CA GLU A 10 9.81 2.09 10.53
C GLU A 10 9.72 0.68 9.97
N LYS A 11 8.83 0.48 8.99
CA LYS A 11 8.65 -0.82 8.37
C LYS A 11 9.17 -0.82 6.94
N PRO A 12 9.76 -1.95 6.52
CA PRO A 12 10.31 -2.10 5.18
C PRO A 12 9.22 -2.16 4.10
N TYR A 13 8.15 -2.90 4.39
CA TYR A 13 7.04 -3.04 3.45
C TYR A 13 5.97 -1.99 3.73
N ILE A 14 5.63 -1.22 2.70
CA ILE A 14 4.61 -0.18 2.83
C ILE A 14 3.89 0.05 1.51
N CYS A 15 2.58 -0.21 1.50
CA CYS A 15 1.77 -0.03 0.30
C CYS A 15 1.89 1.39 -0.23
N ASN A 16 2.51 1.53 -1.41
CA ASN A 16 2.68 2.85 -2.03
C ASN A 16 1.47 3.20 -2.88
N GLU A 17 0.33 2.60 -2.57
CA GLU A 17 -0.90 2.88 -3.31
C GLU A 17 -1.92 3.60 -2.43
N CYS A 18 -2.05 3.15 -1.19
CA CYS A 18 -2.98 3.75 -0.24
C CYS A 18 -2.24 4.39 0.93
N GLY A 19 -1.21 3.71 1.41
CA GLY A 19 -0.43 4.22 2.52
C GLY A 19 -0.47 3.30 3.73
N LYS A 20 -0.33 2.00 3.49
CA LYS A 20 -0.34 1.01 4.56
C LYS A 20 1.05 0.45 4.80
N SER A 21 1.25 -0.15 5.96
CA SER A 21 2.54 -0.74 6.31
C SER A 21 2.40 -2.23 6.62
N PHE A 22 3.48 -2.98 6.40
CA PHE A 22 3.47 -4.42 6.65
C PHE A 22 4.83 -4.88 7.15
N ILE A 23 4.90 -6.13 7.57
CA ILE A 23 6.15 -6.71 8.06
C ILE A 23 6.72 -7.73 7.08
N GLN A 24 5.87 -8.23 6.20
CA GLN A 24 6.28 -9.22 5.22
C GLN A 24 5.93 -8.75 3.80
N LYS A 25 6.53 -9.40 2.81
CA LYS A 25 6.29 -9.05 1.41
C LYS A 25 4.94 -9.58 0.94
N SER A 26 4.67 -10.85 1.25
CA SER A 26 3.41 -11.47 0.85
C SER A 26 2.22 -10.73 1.45
N HIS A 27 2.35 -10.33 2.71
CA HIS A 27 1.29 -9.61 3.40
C HIS A 27 1.00 -8.28 2.71
N LEU A 28 2.02 -7.72 2.06
CA LEU A 28 1.88 -6.45 1.36
C LEU A 28 1.34 -6.67 -0.05
N ASN A 29 1.87 -7.67 -0.73
CA ASN A 29 1.45 -7.99 -2.09
C ASN A 29 -0.01 -8.43 -2.11
N ARG A 30 -0.43 -9.14 -1.07
CA ARG A 30 -1.80 -9.61 -0.97
C ARG A 30 -2.77 -8.46 -0.77
N HIS A 31 -2.39 -7.50 0.08
CA HIS A 31 -3.23 -6.34 0.35
C HIS A 31 -3.41 -5.50 -0.91
N ARG A 32 -2.34 -5.35 -1.68
CA ARG A 32 -2.38 -4.57 -2.91
C ARG A 32 -3.39 -5.14 -3.89
N ARG A 33 -3.87 -6.36 -3.60
CA ARG A 33 -4.84 -7.03 -4.46
C ARG A 33 -6.09 -6.16 -4.63
N ILE A 34 -6.47 -5.46 -3.57
CA ILE A 34 -7.65 -4.61 -3.61
C ILE A 34 -7.46 -3.46 -4.59
N HIS A 35 -6.20 -3.12 -4.87
CA HIS A 35 -5.88 -2.04 -5.79
C HIS A 35 -5.71 -2.58 -7.20
N THR A 36 -4.87 -3.59 -7.35
CA THR A 36 -4.61 -4.20 -8.65
C THR A 36 -5.90 -4.55 -9.36
N GLY A 37 -6.13 -3.95 -10.53
CA GLY A 37 -7.33 -4.21 -11.28
C GLY A 37 -7.31 -3.57 -12.65
N GLU A 38 -8.49 -3.42 -13.26
CA GLU A 38 -8.60 -2.82 -14.58
C GLU A 38 -8.89 -1.32 -14.47
N LYS A 39 -8.43 -0.71 -13.38
CA LYS A 39 -8.63 0.71 -13.15
C LYS A 39 -7.30 1.44 -13.03
N PRO A 40 -7.29 2.74 -13.39
CA PRO A 40 -6.09 3.57 -13.33
C PRO A 40 -5.66 3.87 -11.90
N SER A 41 -6.39 3.30 -10.93
CA SER A 41 -6.09 3.51 -9.52
C SER A 41 -4.59 3.52 -9.28
N GLY A 42 -4.14 4.43 -8.42
CA GLY A 42 -2.73 4.52 -8.12
C GLY A 42 -1.91 5.12 -9.26
N PRO A 43 -1.99 6.45 -9.41
CA PRO A 43 -1.28 7.17 -10.47
C PRO A 43 0.23 7.18 -10.25
N SER A 44 0.67 6.51 -9.19
CA SER A 44 2.10 6.44 -8.87
C SER A 44 2.94 6.40 -10.14
N SER A 45 2.75 5.35 -10.93
CA SER A 45 3.50 5.19 -12.18
C SER A 45 3.07 6.24 -13.20
N GLY A 46 1.78 6.26 -13.51
CA GLY A 46 1.27 7.21 -14.48
C GLY A 46 1.73 6.92 -15.89
N GLY A 1 20.24 24.26 7.62
CA GLY A 1 18.89 24.15 8.12
C GLY A 1 18.74 23.07 9.17
N SER A 2 17.55 22.47 9.24
CA SER A 2 17.28 21.41 10.20
C SER A 2 15.92 20.78 9.96
N SER A 3 15.77 19.53 10.39
CA SER A 3 14.51 18.82 10.21
C SER A 3 14.18 17.99 11.46
N GLY A 4 13.05 18.30 12.08
CA GLY A 4 12.64 17.57 13.27
C GLY A 4 11.29 16.91 13.10
N SER A 5 11.17 16.08 12.07
CA SER A 5 9.91 15.38 11.80
C SER A 5 10.19 14.03 11.12
N SER A 6 9.27 13.09 11.32
CA SER A 6 9.40 11.76 10.73
C SER A 6 8.75 11.70 9.36
N GLY A 7 9.09 10.67 8.58
CA GLY A 7 8.52 10.52 7.27
C GLY A 7 7.39 9.51 7.23
N THR A 8 7.48 8.55 6.31
CA THR A 8 6.45 7.52 6.18
C THR A 8 6.58 6.48 7.29
N GLY A 9 7.81 6.02 7.53
CA GLY A 9 8.03 5.03 8.57
C GLY A 9 9.31 4.24 8.34
N GLU A 10 9.67 3.41 9.31
CA GLU A 10 10.86 2.59 9.21
C GLU A 10 10.51 1.15 8.86
N LYS A 11 9.31 0.95 8.33
CA LYS A 11 8.85 -0.39 7.95
C LYS A 11 9.47 -0.81 6.63
N PRO A 12 9.75 -2.12 6.50
CA PRO A 12 10.35 -2.69 5.28
C PRO A 12 9.38 -2.68 4.11
N TYR A 13 8.14 -3.07 4.36
CA TYR A 13 7.12 -3.12 3.32
C TYR A 13 6.00 -2.12 3.62
N ILE A 14 5.64 -1.33 2.61
CA ILE A 14 4.59 -0.33 2.76
C ILE A 14 3.89 -0.07 1.43
N CYS A 15 2.56 -0.03 1.46
CA CYS A 15 1.77 0.21 0.26
C CYS A 15 1.90 1.67 -0.18
N ASN A 16 2.27 1.88 -1.44
CA ASN A 16 2.42 3.23 -1.98
C ASN A 16 1.17 3.67 -2.73
N GLU A 17 0.04 3.04 -2.38
CA GLU A 17 -1.23 3.36 -3.02
C GLU A 17 -2.21 3.96 -2.02
N CYS A 18 -2.33 3.31 -0.86
CA CYS A 18 -3.23 3.77 0.19
C CYS A 18 -2.45 4.34 1.37
N GLY A 19 -1.33 3.69 1.69
CA GLY A 19 -0.52 4.16 2.80
C GLY A 19 -0.54 3.19 3.97
N LYS A 20 -0.40 1.91 3.69
CA LYS A 20 -0.41 0.88 4.73
C LYS A 20 0.99 0.30 4.93
N SER A 21 1.23 -0.21 6.13
CA SER A 21 2.53 -0.79 6.45
C SER A 21 2.40 -2.29 6.75
N PHE A 22 3.37 -3.06 6.29
CA PHE A 22 3.37 -4.51 6.50
C PHE A 22 4.74 -5.00 6.92
N ILE A 23 4.77 -5.95 7.85
CA ILE A 23 6.02 -6.51 8.35
C ILE A 23 6.58 -7.54 7.38
N GLN A 24 5.70 -8.15 6.59
CA GLN A 24 6.10 -9.16 5.62
C GLN A 24 5.75 -8.71 4.21
N LYS A 25 6.52 -9.22 3.24
CA LYS A 25 6.30 -8.88 1.84
C LYS A 25 4.98 -9.45 1.34
N SER A 26 4.77 -10.74 1.58
CA SER A 26 3.55 -11.41 1.15
C SER A 26 2.32 -10.62 1.57
N HIS A 27 2.33 -10.14 2.82
CA HIS A 27 1.21 -9.37 3.35
C HIS A 27 0.82 -8.25 2.40
N LEU A 28 1.79 -7.42 2.03
CA LEU A 28 1.56 -6.31 1.12
C LEU A 28 1.20 -6.81 -0.27
N ASN A 29 2.08 -7.63 -0.85
CA ASN A 29 1.86 -8.18 -2.18
C ASN A 29 0.42 -8.66 -2.34
N ARG A 30 -0.16 -9.14 -1.25
CA ARG A 30 -1.53 -9.64 -1.26
C ARG A 30 -2.52 -8.48 -1.09
N HIS A 31 -2.29 -7.67 -0.08
CA HIS A 31 -3.17 -6.53 0.20
C HIS A 31 -3.40 -5.71 -1.07
N ARG A 32 -2.34 -5.48 -1.83
CA ARG A 32 -2.42 -4.71 -3.06
C ARG A 32 -3.61 -5.18 -3.91
N ARG A 33 -4.08 -6.39 -3.65
CA ARG A 33 -5.19 -6.96 -4.39
C ARG A 33 -6.39 -6.01 -4.38
N ILE A 34 -6.50 -5.22 -3.31
CA ILE A 34 -7.59 -4.27 -3.18
C ILE A 34 -7.51 -3.18 -4.24
N HIS A 35 -6.30 -2.88 -4.68
CA HIS A 35 -6.09 -1.87 -5.71
C HIS A 35 -6.09 -2.50 -7.11
N THR A 36 -5.13 -3.39 -7.34
CA THR A 36 -5.01 -4.06 -8.63
C THR A 36 -6.27 -4.86 -8.94
N GLY A 37 -7.15 -4.28 -9.76
CA GLY A 37 -8.38 -4.95 -10.13
C GLY A 37 -8.79 -4.66 -11.56
N GLU A 38 -9.80 -5.38 -12.04
CA GLU A 38 -10.29 -5.20 -13.41
C GLU A 38 -9.16 -5.37 -14.42
N LYS A 39 -8.33 -6.39 -14.20
CA LYS A 39 -7.22 -6.67 -15.09
C LYS A 39 -7.31 -8.09 -15.65
N PRO A 40 -8.14 -8.27 -16.69
CA PRO A 40 -8.33 -9.58 -17.33
C PRO A 40 -7.10 -10.02 -18.11
N SER A 41 -6.21 -9.08 -18.40
CA SER A 41 -4.99 -9.38 -19.14
C SER A 41 -3.81 -9.60 -18.19
N GLY A 42 -3.44 -10.86 -18.00
CA GLY A 42 -2.32 -11.18 -17.12
C GLY A 42 -2.39 -12.61 -16.61
N PRO A 43 -2.71 -12.76 -15.32
CA PRO A 43 -2.80 -14.08 -14.69
C PRO A 43 -4.00 -14.88 -15.19
N SER A 44 -3.72 -15.92 -15.98
CA SER A 44 -4.78 -16.76 -16.54
C SER A 44 -4.74 -18.15 -15.91
N SER A 45 -5.54 -18.33 -14.86
CA SER A 45 -5.59 -19.61 -14.16
C SER A 45 -6.99 -19.87 -13.60
N GLY A 46 -7.26 -21.11 -13.23
CA GLY A 46 -8.56 -21.47 -12.68
C GLY A 46 -8.45 -22.35 -11.46
N GLY A 1 11.37 25.20 4.02
CA GLY A 1 10.74 24.18 3.21
C GLY A 1 9.46 23.66 3.83
N SER A 2 9.45 22.37 4.16
CA SER A 2 8.27 21.75 4.76
C SER A 2 8.69 20.66 5.76
N SER A 3 8.10 20.71 6.95
CA SER A 3 8.40 19.74 7.99
C SER A 3 8.04 18.33 7.53
N GLY A 4 6.80 18.16 7.09
CA GLY A 4 6.35 16.86 6.63
C GLY A 4 6.55 15.77 7.68
N SER A 5 5.79 15.85 8.76
CA SER A 5 5.90 14.87 9.83
C SER A 5 4.93 13.71 9.62
N SER A 6 5.42 12.49 9.81
CA SER A 6 4.60 11.30 9.62
C SER A 6 4.33 10.61 10.96
N GLY A 7 3.06 10.62 11.38
CA GLY A 7 2.69 10.00 12.63
C GLY A 7 3.49 8.74 12.91
N THR A 8 3.18 7.68 12.17
CA THR A 8 3.87 6.40 12.34
C THR A 8 4.00 5.67 11.01
N GLY A 9 5.20 5.16 10.74
CA GLY A 9 5.45 4.45 9.50
C GLY A 9 6.91 4.11 9.30
N GLU A 10 7.44 3.26 10.16
CA GLU A 10 8.84 2.86 10.09
C GLU A 10 8.96 1.40 9.63
N LYS A 11 8.18 1.03 8.63
CA LYS A 11 8.19 -0.33 8.11
C LYS A 11 8.79 -0.36 6.70
N PRO A 12 9.41 -1.51 6.35
CA PRO A 12 10.03 -1.70 5.04
C PRO A 12 9.00 -1.78 3.92
N TYR A 13 7.99 -2.63 4.11
CA TYR A 13 6.94 -2.81 3.11
C TYR A 13 5.81 -1.80 3.33
N ILE A 14 5.53 -1.02 2.29
CA ILE A 14 4.47 -0.02 2.35
C ILE A 14 3.73 0.09 1.02
N CYS A 15 2.41 0.18 1.10
CA CYS A 15 1.59 0.29 -0.10
C CYS A 15 1.71 1.69 -0.71
N ASN A 16 1.31 1.80 -1.98
CA ASN A 16 1.37 3.08 -2.69
C ASN A 16 -0.02 3.62 -2.96
N GLU A 17 -0.99 2.72 -3.09
CA GLU A 17 -2.36 3.09 -3.36
C GLU A 17 -2.97 3.80 -2.15
N CYS A 18 -3.04 3.09 -1.03
CA CYS A 18 -3.59 3.65 0.20
C CYS A 18 -2.49 4.22 1.09
N GLY A 19 -1.41 3.45 1.25
CA GLY A 19 -0.30 3.90 2.08
C GLY A 19 -0.30 3.23 3.44
N LYS A 20 -0.33 1.90 3.45
CA LYS A 20 -0.32 1.14 4.69
C LYS A 20 1.03 0.46 4.91
N SER A 21 1.25 -0.03 6.12
CA SER A 21 2.50 -0.69 6.46
C SER A 21 2.27 -2.16 6.77
N PHE A 22 3.30 -2.97 6.57
CA PHE A 22 3.21 -4.41 6.83
C PHE A 22 4.54 -4.96 7.32
N ILE A 23 4.52 -6.19 7.80
CA ILE A 23 5.72 -6.84 8.31
C ILE A 23 6.11 -8.03 7.43
N GLN A 24 5.19 -8.46 6.57
CA GLN A 24 5.43 -9.59 5.69
C GLN A 24 5.31 -9.17 4.23
N LYS A 25 6.19 -9.70 3.39
CA LYS A 25 6.18 -9.39 1.97
C LYS A 25 4.90 -9.87 1.32
N SER A 26 4.49 -11.09 1.65
CA SER A 26 3.27 -11.67 1.09
C SER A 26 2.04 -10.87 1.51
N HIS A 27 2.06 -10.39 2.74
CA HIS A 27 0.94 -9.61 3.28
C HIS A 27 0.68 -8.38 2.41
N LEU A 28 1.75 -7.73 1.97
CA LEU A 28 1.64 -6.54 1.13
C LEU A 28 1.26 -6.92 -0.29
N ASN A 29 2.12 -7.70 -0.95
CA ASN A 29 1.88 -8.12 -2.32
C ASN A 29 0.45 -8.63 -2.48
N ARG A 30 -0.10 -9.19 -1.40
CA ARG A 30 -1.46 -9.72 -1.43
C ARG A 30 -2.47 -8.63 -1.09
N HIS A 31 -2.01 -7.60 -0.37
CA HIS A 31 -2.88 -6.50 0.03
C HIS A 31 -3.07 -5.52 -1.13
N ARG A 32 -1.97 -5.19 -1.80
CA ARG A 32 -2.03 -4.25 -2.93
C ARG A 32 -3.17 -4.62 -3.88
N ARG A 33 -3.64 -5.86 -3.79
CA ARG A 33 -4.72 -6.32 -4.64
C ARG A 33 -6.05 -5.69 -4.23
N ILE A 34 -6.29 -5.61 -2.92
CA ILE A 34 -7.51 -5.04 -2.40
C ILE A 34 -7.97 -3.86 -3.27
N HIS A 35 -7.01 -3.14 -3.83
CA HIS A 35 -7.32 -2.00 -4.69
C HIS A 35 -7.57 -2.44 -6.13
N THR A 36 -6.65 -3.23 -6.66
CA THR A 36 -6.76 -3.72 -8.03
C THR A 36 -7.38 -2.67 -8.94
N GLY A 37 -7.02 -1.41 -8.72
CA GLY A 37 -7.55 -0.33 -9.53
C GLY A 37 -6.60 0.10 -10.63
N GLU A 38 -6.95 -0.20 -11.87
CA GLU A 38 -6.11 0.15 -13.02
C GLU A 38 -6.90 0.08 -14.31
N LYS A 39 -6.55 0.94 -15.26
CA LYS A 39 -7.23 0.98 -16.55
C LYS A 39 -6.26 0.66 -17.69
N PRO A 40 -5.98 -0.64 -17.88
CA PRO A 40 -5.07 -1.10 -18.92
C PRO A 40 -5.66 -0.92 -20.32
N SER A 41 -5.40 0.23 -20.92
CA SER A 41 -5.90 0.53 -22.25
C SER A 41 -4.86 1.29 -23.07
N GLY A 42 -4.78 0.98 -24.36
CA GLY A 42 -3.82 1.64 -25.23
C GLY A 42 -2.49 0.93 -25.27
N PRO A 43 -1.43 1.66 -25.65
CA PRO A 43 -0.08 1.11 -25.75
C PRO A 43 0.51 0.78 -24.38
N SER A 44 -0.09 1.34 -23.33
CA SER A 44 0.37 1.11 -21.97
C SER A 44 -0.21 -0.18 -21.40
N SER A 45 0.55 -1.26 -21.48
CA SER A 45 0.11 -2.56 -20.98
C SER A 45 0.77 -2.87 -19.64
N GLY A 46 1.72 -2.03 -19.24
CA GLY A 46 2.41 -2.24 -17.99
C GLY A 46 3.33 -3.44 -18.01
N GLY A 1 -1.29 16.18 -3.10
CA GLY A 1 -0.89 16.97 -1.96
C GLY A 1 0.02 16.21 -1.02
N SER A 2 0.08 16.66 0.24
CA SER A 2 0.92 16.03 1.24
C SER A 2 0.11 15.13 2.16
N SER A 3 0.77 14.42 3.05
CA SER A 3 0.11 13.52 3.99
C SER A 3 1.05 13.12 5.12
N GLY A 4 0.47 12.69 6.24
CA GLY A 4 1.27 12.27 7.37
C GLY A 4 1.09 10.80 7.70
N SER A 5 1.74 10.35 8.76
CA SER A 5 1.65 8.95 9.17
C SER A 5 1.62 8.84 10.70
N SER A 6 1.10 7.72 11.19
CA SER A 6 0.99 7.49 12.63
C SER A 6 1.08 6.00 12.95
N GLY A 7 1.56 5.68 14.14
CA GLY A 7 1.69 4.29 14.54
C GLY A 7 3.11 3.92 14.92
N THR A 8 3.31 3.56 16.18
CA THR A 8 4.64 3.18 16.65
C THR A 8 5.23 2.05 15.81
N GLY A 9 6.55 1.91 15.86
CA GLY A 9 7.21 0.86 15.10
C GLY A 9 7.29 1.18 13.62
N GLU A 10 8.47 1.00 13.03
CA GLU A 10 8.67 1.28 11.62
C GLU A 10 8.59 -0.01 10.80
N LYS A 11 8.12 0.11 9.57
CA LYS A 11 7.99 -1.04 8.67
C LYS A 11 8.66 -0.77 7.33
N PRO A 12 9.38 -1.77 6.81
CA PRO A 12 10.09 -1.66 5.53
C PRO A 12 9.12 -1.61 4.35
N TYR A 13 8.12 -2.47 4.37
CA TYR A 13 7.13 -2.54 3.30
C TYR A 13 5.96 -1.58 3.58
N ILE A 14 5.67 -0.73 2.62
CA ILE A 14 4.58 0.23 2.75
C ILE A 14 3.92 0.52 1.41
N CYS A 15 2.69 0.02 1.25
CA CYS A 15 1.94 0.22 0.01
C CYS A 15 2.06 1.66 -0.47
N ASN A 16 1.85 1.86 -1.76
CA ASN A 16 1.93 3.19 -2.35
C ASN A 16 0.55 3.67 -2.83
N GLU A 17 -0.33 2.71 -3.10
CA GLU A 17 -1.67 3.03 -3.57
C GLU A 17 -2.48 3.73 -2.47
N CYS A 18 -2.38 3.21 -1.25
CA CYS A 18 -3.10 3.79 -0.12
C CYS A 18 -2.12 4.30 0.94
N GLY A 19 -1.11 3.49 1.25
CA GLY A 19 -0.13 3.87 2.24
C GLY A 19 -0.12 2.94 3.44
N LYS A 20 -0.56 1.71 3.24
CA LYS A 20 -0.61 0.72 4.30
C LYS A 20 0.77 0.12 4.55
N SER A 21 1.04 -0.23 5.80
CA SER A 21 2.33 -0.81 6.16
C SER A 21 2.18 -2.30 6.50
N PHE A 22 3.27 -3.04 6.35
CA PHE A 22 3.25 -4.48 6.62
C PHE A 22 4.65 -4.96 7.02
N ILE A 23 4.72 -6.18 7.53
CA ILE A 23 5.99 -6.77 7.94
C ILE A 23 6.37 -7.96 7.06
N GLN A 24 5.35 -8.61 6.49
CA GLN A 24 5.58 -9.76 5.62
C GLN A 24 5.56 -9.34 4.15
N LYS A 25 6.31 -10.07 3.33
CA LYS A 25 6.37 -9.78 1.90
C LYS A 25 5.06 -10.14 1.21
N SER A 26 4.43 -11.20 1.69
CA SER A 26 3.16 -11.66 1.12
C SER A 26 2.01 -10.76 1.54
N HIS A 27 2.03 -10.35 2.81
CA HIS A 27 0.99 -9.47 3.34
C HIS A 27 0.76 -8.26 2.43
N LEU A 28 1.86 -7.67 1.97
CA LEU A 28 1.79 -6.50 1.10
C LEU A 28 1.40 -6.92 -0.32
N ASN A 29 2.26 -7.69 -0.96
CA ASN A 29 2.00 -8.16 -2.32
C ASN A 29 0.54 -8.57 -2.49
N ARG A 30 -0.03 -9.17 -1.45
CA ARG A 30 -1.41 -9.61 -1.49
C ARG A 30 -2.36 -8.44 -1.22
N HIS A 31 -2.06 -7.66 -0.18
CA HIS A 31 -2.88 -6.51 0.19
C HIS A 31 -3.19 -5.66 -1.04
N ARG A 32 -2.16 -5.34 -1.82
CA ARG A 32 -2.32 -4.53 -3.02
C ARG A 32 -3.54 -4.99 -3.81
N ARG A 33 -3.93 -6.24 -3.64
CA ARG A 33 -5.08 -6.79 -4.34
C ARG A 33 -6.30 -5.89 -4.17
N ILE A 34 -6.47 -5.35 -2.97
CA ILE A 34 -7.59 -4.47 -2.67
C ILE A 34 -7.71 -3.35 -3.71
N HIS A 35 -6.62 -3.11 -4.42
CA HIS A 35 -6.59 -2.07 -5.45
C HIS A 35 -6.81 -2.68 -6.84
N THR A 36 -7.82 -3.52 -6.97
CA THR A 36 -8.13 -4.17 -8.23
C THR A 36 -9.63 -4.15 -8.51
N GLY A 37 -10.04 -3.37 -9.50
CA GLY A 37 -11.45 -3.28 -9.85
C GLY A 37 -11.76 -2.04 -10.66
N GLU A 38 -12.86 -1.38 -10.31
CA GLU A 38 -13.28 -0.17 -11.00
C GLU A 38 -12.13 0.84 -11.08
N LYS A 39 -12.04 1.51 -12.22
CA LYS A 39 -10.99 2.51 -12.42
C LYS A 39 -11.20 3.26 -13.73
N PRO A 40 -10.95 4.58 -13.71
CA PRO A 40 -11.11 5.44 -14.88
C PRO A 40 -10.05 5.17 -15.94
N SER A 41 -8.97 4.51 -15.54
CA SER A 41 -7.88 4.18 -16.46
C SER A 41 -8.12 2.83 -17.11
N GLY A 42 -7.77 2.72 -18.39
CA GLY A 42 -7.95 1.48 -19.12
C GLY A 42 -6.63 0.90 -19.60
N PRO A 43 -6.71 -0.18 -20.38
CA PRO A 43 -5.53 -0.85 -20.92
C PRO A 43 -4.82 -0.02 -21.99
N SER A 44 -3.49 0.04 -21.90
CA SER A 44 -2.70 0.80 -22.86
C SER A 44 -1.41 0.08 -23.19
N SER A 45 -0.77 0.49 -24.29
CA SER A 45 0.47 -0.12 -24.73
C SER A 45 1.62 0.87 -24.69
N GLY A 46 2.85 0.36 -24.63
CA GLY A 46 4.02 1.22 -24.58
C GLY A 46 5.14 0.73 -25.47
N GLY A 1 4.27 19.95 -7.21
CA GLY A 1 3.86 19.69 -5.84
C GLY A 1 3.60 18.21 -5.59
N SER A 2 3.65 17.81 -4.33
CA SER A 2 3.41 16.41 -3.96
C SER A 2 3.10 16.29 -2.48
N SER A 3 2.18 15.38 -2.15
CA SER A 3 1.78 15.17 -0.77
C SER A 3 2.22 13.79 -0.27
N GLY A 4 2.70 13.73 0.96
CA GLY A 4 3.15 12.48 1.53
C GLY A 4 3.02 12.44 3.04
N SER A 5 1.80 12.55 3.53
CA SER A 5 1.54 12.53 4.97
C SER A 5 0.47 11.51 5.31
N SER A 6 0.90 10.35 5.79
CA SER A 6 -0.03 9.28 6.16
C SER A 6 -0.18 9.19 7.67
N GLY A 7 0.93 8.91 8.35
CA GLY A 7 0.90 8.79 9.80
C GLY A 7 2.18 8.22 10.36
N THR A 8 2.36 6.91 10.23
CA THR A 8 3.54 6.23 10.73
C THR A 8 4.46 5.81 9.59
N GLY A 9 5.76 5.75 9.87
CA GLY A 9 6.72 5.36 8.86
C GLY A 9 7.80 4.43 9.40
N GLU A 10 8.97 4.46 8.77
CA GLU A 10 10.08 3.63 9.20
C GLU A 10 9.72 2.15 9.09
N LYS A 11 9.13 1.78 7.97
CA LYS A 11 8.74 0.39 7.73
C LYS A 11 9.38 -0.16 6.47
N PRO A 12 9.65 -1.48 6.47
CA PRO A 12 10.27 -2.15 5.32
C PRO A 12 9.33 -2.23 4.12
N TYR A 13 8.08 -2.57 4.38
CA TYR A 13 7.08 -2.69 3.32
C TYR A 13 5.91 -1.74 3.57
N ILE A 14 5.62 -0.90 2.58
CA ILE A 14 4.53 0.06 2.68
C ILE A 14 3.80 0.21 1.36
N CYS A 15 2.47 0.28 1.42
CA CYS A 15 1.66 0.42 0.22
C CYS A 15 1.69 1.86 -0.30
N ASN A 16 1.59 2.02 -1.61
CA ASN A 16 1.61 3.34 -2.23
C ASN A 16 0.23 3.72 -2.74
N GLU A 17 -0.71 2.79 -2.63
CA GLU A 17 -2.07 3.03 -3.09
C GLU A 17 -2.90 3.70 -2.00
N CYS A 18 -2.81 3.16 -0.79
CA CYS A 18 -3.56 3.70 0.34
C CYS A 18 -2.61 4.29 1.39
N GLY A 19 -1.48 3.61 1.59
CA GLY A 19 -0.51 4.09 2.57
C GLY A 19 -0.39 3.17 3.77
N LYS A 20 -0.72 1.89 3.57
CA LYS A 20 -0.66 0.91 4.64
C LYS A 20 0.78 0.46 4.88
N SER A 21 1.03 -0.10 6.05
CA SER A 21 2.37 -0.58 6.40
C SER A 21 2.33 -2.05 6.80
N PHE A 22 3.21 -2.84 6.20
CA PHE A 22 3.29 -4.27 6.50
C PHE A 22 4.71 -4.68 6.85
N ILE A 23 4.89 -5.93 7.24
CA ILE A 23 6.19 -6.46 7.61
C ILE A 23 6.60 -7.62 6.70
N GLN A 24 5.60 -8.35 6.21
CA GLN A 24 5.84 -9.48 5.33
C GLN A 24 5.61 -9.11 3.87
N LYS A 25 6.35 -9.74 2.97
CA LYS A 25 6.22 -9.48 1.54
C LYS A 25 4.85 -9.92 1.03
N SER A 26 4.49 -11.16 1.35
CA SER A 26 3.21 -11.72 0.92
C SER A 26 2.05 -10.88 1.46
N HIS A 27 2.14 -10.52 2.74
CA HIS A 27 1.10 -9.73 3.38
C HIS A 27 0.81 -8.45 2.59
N LEU A 28 1.87 -7.83 2.08
CA LEU A 28 1.75 -6.61 1.30
C LEU A 28 1.23 -6.91 -0.10
N ASN A 29 1.98 -7.71 -0.85
CA ASN A 29 1.59 -8.08 -2.20
C ASN A 29 0.14 -8.56 -2.25
N ARG A 30 -0.27 -9.30 -1.22
CA ARG A 30 -1.62 -9.81 -1.14
C ARG A 30 -2.61 -8.70 -0.82
N HIS A 31 -2.12 -7.62 -0.23
CA HIS A 31 -2.95 -6.48 0.14
C HIS A 31 -3.11 -5.54 -1.05
N ARG A 32 -2.01 -5.27 -1.74
CA ARG A 32 -2.02 -4.37 -2.89
C ARG A 32 -3.13 -4.76 -3.87
N ARG A 33 -3.61 -5.99 -3.76
CA ARG A 33 -4.67 -6.48 -4.63
C ARG A 33 -5.97 -5.72 -4.39
N ILE A 34 -6.32 -5.54 -3.12
CA ILE A 34 -7.53 -4.83 -2.77
C ILE A 34 -7.81 -3.68 -3.73
N HIS A 35 -6.74 -3.08 -4.25
CA HIS A 35 -6.86 -1.98 -5.19
C HIS A 35 -6.99 -2.50 -6.62
N THR A 36 -5.91 -3.06 -7.14
CA THR A 36 -5.90 -3.60 -8.49
C THR A 36 -6.99 -4.64 -8.68
N GLY A 37 -8.05 -4.26 -9.40
CA GLY A 37 -9.15 -5.17 -9.64
C GLY A 37 -10.33 -4.91 -8.72
N GLU A 38 -10.99 -3.78 -8.92
CA GLU A 38 -12.14 -3.41 -8.10
C GLU A 38 -13.43 -3.50 -8.91
N LYS A 39 -13.56 -4.57 -9.69
CA LYS A 39 -14.74 -4.78 -10.51
C LYS A 39 -14.93 -6.26 -10.82
N PRO A 40 -16.20 -6.71 -10.84
CA PRO A 40 -16.54 -8.11 -11.13
C PRO A 40 -16.29 -8.48 -12.58
N SER A 41 -15.23 -9.24 -12.82
CA SER A 41 -14.87 -9.67 -14.16
C SER A 41 -13.74 -10.69 -14.13
N GLY A 42 -13.47 -11.29 -15.29
CA GLY A 42 -12.41 -12.28 -15.38
C GLY A 42 -11.49 -12.06 -16.55
N PRO A 43 -10.76 -10.92 -16.53
CA PRO A 43 -9.82 -10.56 -17.59
C PRO A 43 -8.60 -11.46 -17.62
N SER A 44 -8.16 -11.82 -18.81
CA SER A 44 -7.00 -12.69 -18.97
C SER A 44 -5.74 -12.01 -18.44
N SER A 45 -5.39 -10.87 -19.02
CA SER A 45 -4.21 -10.12 -18.60
C SER A 45 -4.60 -8.78 -17.99
N GLY A 46 -4.03 -8.48 -16.83
CA GLY A 46 -4.34 -7.23 -16.15
C GLY A 46 -3.22 -6.78 -15.23
N GLY A 1 6.73 22.42 19.65
CA GLY A 1 6.92 20.99 19.80
C GLY A 1 6.94 20.25 18.47
N SER A 2 7.63 19.13 18.42
CA SER A 2 7.74 18.35 17.20
C SER A 2 7.07 16.98 17.37
N SER A 3 7.03 16.20 16.29
CA SER A 3 6.41 14.89 16.32
C SER A 3 6.63 14.16 14.99
N GLY A 4 7.29 13.01 15.05
CA GLY A 4 7.55 12.24 13.85
C GLY A 4 6.45 11.23 13.57
N SER A 5 6.84 9.96 13.45
CA SER A 5 5.89 8.89 13.17
C SER A 5 6.00 7.77 14.21
N SER A 6 4.93 7.00 14.36
CA SER A 6 4.91 5.91 15.33
C SER A 6 4.75 4.57 14.62
N GLY A 7 5.63 3.63 14.93
CA GLY A 7 5.57 2.32 14.31
C GLY A 7 6.92 1.65 14.22
N THR A 8 7.70 1.75 15.29
CA THR A 8 9.03 1.15 15.32
C THR A 8 9.90 1.69 14.19
N GLY A 9 9.90 3.01 14.03
CA GLY A 9 10.69 3.62 12.97
C GLY A 9 10.12 3.36 11.59
N GLU A 10 10.99 3.05 10.64
CA GLU A 10 10.56 2.78 9.26
C GLU A 10 10.35 1.28 9.05
N LYS A 11 9.33 0.95 8.26
CA LYS A 11 9.01 -0.45 7.97
C LYS A 11 9.60 -0.86 6.63
N PRO A 12 9.89 -2.17 6.48
CA PRO A 12 10.45 -2.73 5.26
C PRO A 12 9.46 -2.72 4.10
N TYR A 13 8.20 -2.99 4.42
CA TYR A 13 7.14 -3.02 3.41
C TYR A 13 6.07 -1.98 3.71
N ILE A 14 5.67 -1.22 2.69
CA ILE A 14 4.65 -0.20 2.85
C ILE A 14 3.94 0.08 1.52
N CYS A 15 2.64 -0.21 1.49
CA CYS A 15 1.85 0.01 0.28
C CYS A 15 1.81 1.49 -0.08
N ASN A 16 2.46 1.84 -1.19
CA ASN A 16 2.50 3.22 -1.64
C ASN A 16 1.17 3.63 -2.27
N GLU A 17 0.52 2.67 -2.92
CA GLU A 17 -0.77 2.93 -3.56
C GLU A 17 -1.73 3.61 -2.60
N CYS A 18 -1.95 2.98 -1.45
CA CYS A 18 -2.85 3.53 -0.44
C CYS A 18 -2.07 4.20 0.68
N GLY A 19 -1.02 3.53 1.16
CA GLY A 19 -0.21 4.08 2.23
C GLY A 19 -0.20 3.20 3.46
N LYS A 20 -0.37 1.90 3.26
CA LYS A 20 -0.39 0.94 4.36
C LYS A 20 1.03 0.45 4.66
N SER A 21 1.19 -0.16 5.84
CA SER A 21 2.50 -0.67 6.25
C SER A 21 2.39 -2.13 6.68
N PHE A 22 3.25 -2.96 6.11
CA PHE A 22 3.26 -4.39 6.42
C PHE A 22 4.64 -4.85 6.86
N ILE A 23 4.79 -6.15 7.08
CA ILE A 23 6.06 -6.71 7.51
C ILE A 23 6.52 -7.82 6.57
N GLN A 24 5.58 -8.65 6.13
CA GLN A 24 5.89 -9.75 5.22
C GLN A 24 5.61 -9.35 3.78
N LYS A 25 6.59 -9.54 2.92
CA LYS A 25 6.45 -9.21 1.50
C LYS A 25 5.16 -9.80 0.93
N SER A 26 4.61 -10.79 1.63
CA SER A 26 3.37 -11.44 1.18
C SER A 26 2.16 -10.63 1.62
N HIS A 27 2.13 -10.25 2.90
CA HIS A 27 1.03 -9.48 3.44
C HIS A 27 0.70 -8.28 2.55
N LEU A 28 1.74 -7.60 2.09
CA LEU A 28 1.58 -6.43 1.22
C LEU A 28 1.18 -6.86 -0.19
N ASN A 29 2.06 -7.60 -0.85
CA ASN A 29 1.81 -8.08 -2.20
C ASN A 29 0.34 -8.51 -2.36
N ARG A 30 -0.19 -9.16 -1.33
CA ARG A 30 -1.56 -9.63 -1.36
C ARG A 30 -2.54 -8.47 -1.14
N HIS A 31 -2.34 -7.73 -0.05
CA HIS A 31 -3.19 -6.60 0.26
C HIS A 31 -3.40 -5.71 -0.96
N ARG A 32 -2.29 -5.31 -1.58
CA ARG A 32 -2.35 -4.45 -2.77
C ARG A 32 -3.45 -4.91 -3.72
N ARG A 33 -3.77 -6.20 -3.66
CA ARG A 33 -4.81 -6.77 -4.52
C ARG A 33 -6.09 -5.93 -4.45
N ILE A 34 -6.43 -5.48 -3.25
CA ILE A 34 -7.63 -4.67 -3.06
C ILE A 34 -7.75 -3.60 -4.13
N HIS A 35 -6.61 -3.07 -4.57
CA HIS A 35 -6.59 -2.04 -5.59
C HIS A 35 -6.67 -2.66 -6.98
N THR A 36 -5.68 -3.49 -7.31
CA THR A 36 -5.64 -4.16 -8.61
C THR A 36 -6.35 -5.51 -8.56
N GLY A 37 -7.49 -5.59 -9.24
CA GLY A 37 -8.25 -6.82 -9.26
C GLY A 37 -8.15 -7.54 -10.60
N GLU A 38 -9.29 -7.87 -11.17
CA GLU A 38 -9.32 -8.57 -12.46
C GLU A 38 -10.09 -7.76 -13.50
N LYS A 39 -9.85 -6.45 -13.52
CA LYS A 39 -10.52 -5.56 -14.46
C LYS A 39 -10.05 -5.85 -15.90
N PRO A 40 -11.03 -5.99 -16.81
CA PRO A 40 -10.75 -6.26 -18.23
C PRO A 40 -10.11 -5.06 -18.93
N SER A 41 -10.03 -3.93 -18.22
CA SER A 41 -9.45 -2.72 -18.78
C SER A 41 -8.05 -2.98 -19.31
N GLY A 42 -7.11 -3.19 -18.40
CA GLY A 42 -5.74 -3.45 -18.79
C GLY A 42 -4.80 -2.33 -18.38
N PRO A 43 -3.56 -2.69 -18.03
CA PRO A 43 -2.54 -1.73 -17.62
C PRO A 43 -2.07 -0.84 -18.77
N SER A 44 -2.58 -1.12 -19.97
CA SER A 44 -2.22 -0.36 -21.15
C SER A 44 -1.97 1.12 -20.81
N SER A 45 -0.70 1.49 -20.72
CA SER A 45 -0.33 2.86 -20.40
C SER A 45 -0.10 3.68 -21.65
N GLY A 46 -1.08 4.51 -22.00
CA GLY A 46 -0.96 5.33 -23.19
C GLY A 46 -1.60 4.70 -24.40
N GLY A 1 -10.72 17.15 0.17
CA GLY A 1 -10.13 17.82 1.31
C GLY A 1 -10.28 17.02 2.59
N SER A 2 -9.19 16.89 3.33
CA SER A 2 -9.21 16.14 4.59
C SER A 2 -7.94 16.40 5.40
N SER A 3 -7.98 16.06 6.68
CA SER A 3 -6.84 16.26 7.57
C SER A 3 -5.55 15.79 6.90
N GLY A 4 -4.42 16.23 7.45
CA GLY A 4 -3.13 15.83 6.90
C GLY A 4 -2.65 14.50 7.45
N SER A 5 -1.57 13.98 6.86
CA SER A 5 -1.02 12.71 7.30
C SER A 5 0.48 12.65 7.03
N SER A 6 1.27 12.64 8.10
CA SER A 6 2.72 12.59 7.99
C SER A 6 3.24 11.17 8.18
N GLY A 7 3.66 10.55 7.07
CA GLY A 7 4.18 9.20 7.14
C GLY A 7 5.36 9.06 8.07
N THR A 8 5.22 8.24 9.11
CA THR A 8 6.28 8.04 10.08
C THR A 8 7.49 7.37 9.43
N GLY A 9 7.25 6.27 8.73
CA GLY A 9 8.33 5.55 8.07
C GLY A 9 8.88 4.43 8.93
N GLU A 10 10.17 4.14 8.76
CA GLU A 10 10.82 3.08 9.51
C GLU A 10 10.11 1.75 9.31
N LYS A 11 9.84 1.42 8.05
CA LYS A 11 9.16 0.17 7.71
C LYS A 11 9.72 -0.42 6.43
N PRO A 12 9.84 -1.76 6.39
CA PRO A 12 10.37 -2.48 5.23
C PRO A 12 9.41 -2.44 4.05
N TYR A 13 8.14 -2.75 4.31
CA TYR A 13 7.12 -2.74 3.27
C TYR A 13 6.10 -1.64 3.49
N ILE A 14 5.71 -0.96 2.42
CA ILE A 14 4.73 0.11 2.51
C ILE A 14 4.02 0.32 1.18
N CYS A 15 2.73 0.01 1.15
CA CYS A 15 1.93 0.18 -0.07
C CYS A 15 2.15 1.55 -0.68
N ASN A 16 1.73 1.70 -1.94
CA ASN A 16 1.87 2.96 -2.64
C ASN A 16 0.50 3.53 -3.04
N GLU A 17 -0.44 2.63 -3.31
CA GLU A 17 -1.78 3.04 -3.69
C GLU A 17 -2.50 3.75 -2.54
N CYS A 18 -2.53 3.10 -1.39
CA CYS A 18 -3.18 3.67 -0.21
C CYS A 18 -2.15 4.18 0.79
N GLY A 19 -1.13 3.36 1.04
CA GLY A 19 -0.09 3.75 1.98
C GLY A 19 -0.19 3.01 3.30
N LYS A 20 -0.33 1.70 3.23
CA LYS A 20 -0.43 0.87 4.43
C LYS A 20 0.92 0.26 4.80
N SER A 21 1.08 -0.10 6.06
CA SER A 21 2.33 -0.69 6.54
C SER A 21 2.15 -2.19 6.76
N PHE A 22 3.24 -2.93 6.56
CA PHE A 22 3.21 -4.39 6.74
C PHE A 22 4.56 -4.89 7.25
N ILE A 23 4.63 -6.19 7.54
CA ILE A 23 5.86 -6.79 8.03
C ILE A 23 6.38 -7.86 7.06
N GLN A 24 5.44 -8.57 6.44
CA GLN A 24 5.80 -9.62 5.49
C GLN A 24 5.57 -9.15 4.05
N LYS A 25 6.35 -9.69 3.13
CA LYS A 25 6.23 -9.34 1.72
C LYS A 25 4.92 -9.84 1.14
N SER A 26 4.54 -11.06 1.49
CA SER A 26 3.31 -11.66 0.99
C SER A 26 2.10 -10.84 1.43
N HIS A 27 2.13 -10.36 2.67
CA HIS A 27 1.03 -9.56 3.19
C HIS A 27 0.78 -8.33 2.33
N LEU A 28 1.85 -7.63 1.97
CA LEU A 28 1.74 -6.44 1.13
C LEU A 28 1.31 -6.81 -0.28
N ASN A 29 1.94 -7.84 -0.84
CA ASN A 29 1.63 -8.30 -2.18
C ASN A 29 0.19 -8.77 -2.28
N ARG A 30 -0.30 -9.38 -1.21
CA ARG A 30 -1.68 -9.89 -1.17
C ARG A 30 -2.64 -8.78 -0.76
N HIS A 31 -2.09 -7.64 -0.35
CA HIS A 31 -2.92 -6.50 0.07
C HIS A 31 -3.15 -5.55 -1.10
N ARG A 32 -2.06 -5.16 -1.77
CA ARG A 32 -2.15 -4.26 -2.90
C ARG A 32 -3.28 -4.66 -3.84
N ARG A 33 -3.64 -5.93 -3.81
CA ARG A 33 -4.70 -6.45 -4.66
C ARG A 33 -6.02 -5.75 -4.37
N ILE A 34 -6.33 -5.60 -3.09
CA ILE A 34 -7.57 -4.94 -2.68
C ILE A 34 -7.92 -3.79 -3.63
N HIS A 35 -6.90 -3.11 -4.13
CA HIS A 35 -7.10 -2.00 -5.05
C HIS A 35 -7.32 -2.51 -6.48
N THR A 36 -8.11 -3.56 -6.61
CA THR A 36 -8.39 -4.14 -7.92
C THR A 36 -9.87 -4.52 -8.05
N GLY A 37 -10.36 -4.53 -9.28
CA GLY A 37 -11.75 -4.87 -9.52
C GLY A 37 -12.70 -3.89 -8.88
N GLU A 38 -13.88 -3.73 -9.48
CA GLU A 38 -14.88 -2.81 -8.95
C GLU A 38 -14.23 -1.52 -8.44
N LYS A 39 -13.27 -1.02 -9.19
CA LYS A 39 -12.56 0.21 -8.82
C LYS A 39 -12.88 1.34 -9.79
N PRO A 40 -13.33 2.48 -9.24
CA PRO A 40 -13.67 3.66 -10.04
C PRO A 40 -12.44 4.31 -10.68
N SER A 41 -12.67 5.05 -11.75
CA SER A 41 -11.59 5.73 -12.46
C SER A 41 -12.11 6.96 -13.19
N GLY A 42 -11.38 8.07 -13.04
CA GLY A 42 -11.78 9.31 -13.70
C GLY A 42 -10.95 10.49 -13.24
N PRO A 43 -11.46 11.24 -12.26
CA PRO A 43 -10.78 12.41 -11.72
C PRO A 43 -9.53 12.05 -10.92
N SER A 44 -8.37 12.26 -11.53
CA SER A 44 -7.10 11.94 -10.88
C SER A 44 -6.11 13.08 -11.05
N SER A 45 -5.34 13.36 -10.00
CA SER A 45 -4.36 14.43 -10.03
C SER A 45 -2.98 13.88 -10.41
N GLY A 46 -2.56 12.82 -9.74
CA GLY A 46 -1.28 12.22 -10.03
C GLY A 46 -0.77 11.35 -8.89
N GLY A 1 -13.72 4.61 10.88
CA GLY A 1 -12.86 3.74 11.64
C GLY A 1 -11.84 4.49 12.46
N SER A 2 -11.15 3.80 13.35
CA SER A 2 -10.15 4.42 14.20
C SER A 2 -8.79 4.47 13.50
N SER A 3 -8.81 4.91 12.24
CA SER A 3 -7.58 5.01 11.46
C SER A 3 -6.66 3.82 11.74
N GLY A 4 -7.25 2.63 11.80
CA GLY A 4 -6.46 1.44 12.06
C GLY A 4 -5.53 1.60 13.24
N SER A 5 -4.58 0.68 13.37
CA SER A 5 -3.63 0.72 14.48
C SER A 5 -2.20 0.57 13.97
N SER A 6 -1.40 1.61 14.17
CA SER A 6 -0.01 1.60 13.72
C SER A 6 0.84 2.57 14.55
N GLY A 7 1.88 2.04 15.18
CA GLY A 7 2.75 2.88 15.98
C GLY A 7 3.89 2.10 16.61
N THR A 8 4.50 1.21 15.83
CA THR A 8 5.61 0.40 16.31
C THR A 8 6.75 0.36 15.31
N GLY A 9 7.87 0.98 15.68
CA GLY A 9 9.03 1.00 14.79
C GLY A 9 8.65 1.37 13.37
N GLU A 10 9.40 0.84 12.41
CA GLU A 10 9.15 1.11 11.00
C GLU A 10 9.15 -0.18 10.19
N LYS A 11 8.36 -0.20 9.12
CA LYS A 11 8.27 -1.36 8.25
C LYS A 11 8.80 -1.07 6.86
N PRO A 12 9.48 -2.06 6.26
CA PRO A 12 10.06 -1.91 4.92
C PRO A 12 8.99 -1.84 3.83
N TYR A 13 7.95 -2.66 3.97
CA TYR A 13 6.88 -2.69 2.99
C TYR A 13 5.79 -1.67 3.35
N ILE A 14 5.51 -0.77 2.42
CA ILE A 14 4.48 0.26 2.64
C ILE A 14 3.76 0.60 1.35
N CYS A 15 2.49 0.21 1.26
CA CYS A 15 1.69 0.48 0.08
C CYS A 15 1.70 1.98 -0.26
N ASN A 16 1.56 2.29 -1.55
CA ASN A 16 1.55 3.67 -1.99
C ASN A 16 0.15 4.10 -2.43
N GLU A 17 -0.67 3.12 -2.80
CA GLU A 17 -2.03 3.39 -3.24
C GLU A 17 -2.86 4.00 -2.11
N CYS A 18 -2.88 3.32 -0.97
CA CYS A 18 -3.63 3.80 0.19
C CYS A 18 -2.69 4.40 1.23
N GLY A 19 -1.61 3.68 1.53
CA GLY A 19 -0.65 4.16 2.51
C GLY A 19 -0.62 3.31 3.76
N LYS A 20 -0.51 1.99 3.57
CA LYS A 20 -0.47 1.06 4.70
C LYS A 20 0.93 0.49 4.87
N SER A 21 1.10 -0.32 5.91
CA SER A 21 2.40 -0.93 6.20
C SER A 21 2.24 -2.39 6.62
N PHE A 22 3.22 -3.20 6.29
CA PHE A 22 3.19 -4.63 6.62
C PHE A 22 4.56 -5.11 7.06
N ILE A 23 4.60 -6.27 7.72
CA ILE A 23 5.85 -6.84 8.19
C ILE A 23 6.34 -7.94 7.24
N GLN A 24 5.40 -8.67 6.65
CA GLN A 24 5.73 -9.75 5.72
C GLN A 24 5.53 -9.31 4.28
N LYS A 25 6.47 -9.68 3.42
CA LYS A 25 6.39 -9.32 2.01
C LYS A 25 5.05 -9.74 1.41
N SER A 26 4.73 -11.03 1.52
CA SER A 26 3.47 -11.55 1.00
C SER A 26 2.30 -10.68 1.42
N HIS A 27 2.17 -10.47 2.72
CA HIS A 27 1.08 -9.66 3.27
C HIS A 27 0.84 -8.43 2.40
N LEU A 28 1.92 -7.81 1.94
CA LEU A 28 1.82 -6.62 1.11
C LEU A 28 1.27 -6.97 -0.28
N ASN A 29 1.90 -7.94 -0.93
CA ASN A 29 1.47 -8.38 -2.26
C ASN A 29 0.01 -8.84 -2.23
N ARG A 30 -0.42 -9.36 -1.08
CA ARG A 30 -1.78 -9.85 -0.93
C ARG A 30 -2.72 -8.69 -0.58
N HIS A 31 -2.16 -7.57 -0.18
CA HIS A 31 -2.94 -6.39 0.17
C HIS A 31 -3.12 -5.46 -1.02
N ARG A 32 -2.01 -5.17 -1.71
CA ARG A 32 -2.04 -4.29 -2.88
C ARG A 32 -3.19 -4.66 -3.81
N ARG A 33 -3.57 -5.94 -3.78
CA ARG A 33 -4.65 -6.43 -4.63
C ARG A 33 -5.93 -5.61 -4.40
N ILE A 34 -6.27 -5.40 -3.13
CA ILE A 34 -7.46 -4.64 -2.78
C ILE A 34 -7.70 -3.50 -3.76
N HIS A 35 -6.61 -2.97 -4.32
CA HIS A 35 -6.70 -1.88 -5.28
C HIS A 35 -6.75 -2.41 -6.70
N THR A 36 -7.56 -3.45 -6.91
CA THR A 36 -7.70 -4.05 -8.24
C THR A 36 -9.16 -4.11 -8.66
N GLY A 37 -9.40 -4.57 -9.89
CA GLY A 37 -10.76 -4.66 -10.39
C GLY A 37 -11.01 -3.72 -11.56
N GLU A 38 -12.27 -3.37 -11.77
CA GLU A 38 -12.64 -2.49 -12.86
C GLU A 38 -12.83 -1.06 -12.36
N LYS A 39 -12.56 -0.09 -13.23
CA LYS A 39 -12.69 1.32 -12.88
C LYS A 39 -13.95 1.93 -13.52
N PRO A 40 -15.07 1.86 -12.79
CA PRO A 40 -16.35 2.39 -13.27
C PRO A 40 -16.36 3.91 -13.32
N SER A 41 -15.87 4.47 -14.42
CA SER A 41 -15.82 5.91 -14.59
C SER A 41 -15.55 6.61 -13.27
N GLY A 42 -14.58 6.10 -12.52
CA GLY A 42 -14.23 6.69 -11.23
C GLY A 42 -13.95 8.18 -11.33
N PRO A 43 -14.42 8.93 -10.32
CA PRO A 43 -14.24 10.38 -10.27
C PRO A 43 -12.78 10.78 -10.03
N SER A 44 -11.99 9.83 -9.53
CA SER A 44 -10.59 10.07 -9.25
C SER A 44 -10.40 11.38 -8.50
N SER A 45 -11.16 11.54 -7.42
CA SER A 45 -11.09 12.76 -6.61
C SER A 45 -10.65 12.43 -5.19
N GLY A 46 -10.53 13.47 -4.36
CA GLY A 46 -10.11 13.27 -2.98
C GLY A 46 -11.15 12.52 -2.17
N GLY A 1 -0.91 11.88 2.96
CA GLY A 1 -1.56 12.22 4.22
C GLY A 1 -1.00 11.41 5.39
N SER A 2 -1.52 11.67 6.58
CA SER A 2 -1.06 10.98 7.78
C SER A 2 -2.24 10.39 8.55
N SER A 3 -3.28 11.21 8.75
CA SER A 3 -4.46 10.76 9.47
C SER A 3 -4.10 10.28 10.87
N GLY A 4 -3.21 11.02 11.54
CA GLY A 4 -2.80 10.65 12.88
C GLY A 4 -1.31 10.36 12.96
N SER A 5 -0.90 9.23 12.41
CA SER A 5 0.51 8.83 12.43
C SER A 5 1.02 8.72 13.86
N SER A 6 0.24 8.06 14.71
CA SER A 6 0.61 7.88 16.11
C SER A 6 1.12 6.47 16.37
N GLY A 7 2.41 6.27 16.20
CA GLY A 7 3.01 4.95 16.41
C GLY A 7 4.27 4.74 15.60
N THR A 8 5.32 5.47 15.93
CA THR A 8 6.59 5.35 15.22
C THR A 8 6.88 3.91 14.84
N GLY A 9 6.76 3.60 13.56
CA GLY A 9 7.02 2.25 13.09
C GLY A 9 7.43 2.20 11.63
N GLU A 10 8.73 2.26 11.38
CA GLU A 10 9.25 2.23 10.02
C GLU A 10 9.37 0.79 9.51
N LYS A 11 8.52 0.45 8.55
CA LYS A 11 8.52 -0.90 7.97
C LYS A 11 9.08 -0.88 6.56
N PRO A 12 9.62 -2.04 6.12
CA PRO A 12 10.19 -2.18 4.78
C PRO A 12 9.13 -2.14 3.68
N TYR A 13 8.02 -2.82 3.92
CA TYR A 13 6.93 -2.85 2.94
C TYR A 13 5.82 -1.88 3.33
N ILE A 14 5.54 -0.94 2.43
CA ILE A 14 4.50 0.05 2.68
C ILE A 14 3.77 0.43 1.38
N CYS A 15 2.49 0.10 1.32
CA CYS A 15 1.68 0.40 0.14
C CYS A 15 1.73 1.89 -0.19
N ASN A 16 1.48 2.21 -1.45
CA ASN A 16 1.50 3.60 -1.91
C ASN A 16 0.11 4.05 -2.35
N GLU A 17 -0.71 3.09 -2.76
CA GLU A 17 -2.06 3.37 -3.22
C GLU A 17 -2.90 3.97 -2.10
N CYS A 18 -2.78 3.38 -0.91
CA CYS A 18 -3.53 3.84 0.26
C CYS A 18 -2.59 4.35 1.33
N GLY A 19 -1.50 3.62 1.56
CA GLY A 19 -0.54 4.03 2.58
C GLY A 19 -0.59 3.15 3.81
N LYS A 20 -0.33 1.86 3.63
CA LYS A 20 -0.36 0.91 4.74
C LYS A 20 1.06 0.42 5.05
N SER A 21 1.16 -0.43 6.07
CA SER A 21 2.46 -0.97 6.48
C SER A 21 2.35 -2.46 6.77
N PHE A 22 3.40 -3.20 6.42
CA PHE A 22 3.43 -4.65 6.64
C PHE A 22 4.84 -5.12 7.00
N ILE A 23 4.97 -6.40 7.28
CA ILE A 23 6.26 -6.99 7.63
C ILE A 23 6.76 -7.93 6.54
N GLN A 24 5.91 -8.85 6.13
CA GLN A 24 6.26 -9.81 5.08
C GLN A 24 5.78 -9.34 3.72
N LYS A 25 6.61 -9.53 2.70
CA LYS A 25 6.26 -9.12 1.34
C LYS A 25 4.89 -9.67 0.95
N SER A 26 4.60 -10.90 1.38
CA SER A 26 3.33 -11.53 1.07
C SER A 26 2.16 -10.72 1.64
N HIS A 27 2.29 -10.31 2.88
CA HIS A 27 1.25 -9.52 3.55
C HIS A 27 0.84 -8.33 2.69
N LEU A 28 1.83 -7.58 2.22
CA LEU A 28 1.58 -6.40 1.39
C LEU A 28 1.06 -6.82 0.02
N ASN A 29 1.88 -7.56 -0.72
CA ASN A 29 1.50 -8.02 -2.06
C ASN A 29 0.05 -8.50 -2.07
N ARG A 30 -0.34 -9.21 -1.01
CA ARG A 30 -1.70 -9.74 -0.91
C ARG A 30 -2.70 -8.60 -0.67
N HIS A 31 -2.25 -7.57 0.05
CA HIS A 31 -3.10 -6.44 0.35
C HIS A 31 -3.31 -5.56 -0.88
N ARG A 32 -2.22 -5.25 -1.56
CA ARG A 32 -2.27 -4.42 -2.77
C ARG A 32 -3.31 -4.96 -3.74
N ARG A 33 -3.63 -6.24 -3.61
CA ARG A 33 -4.60 -6.88 -4.49
C ARG A 33 -5.86 -6.02 -4.63
N ILE A 34 -6.25 -5.37 -3.54
CA ILE A 34 -7.43 -4.51 -3.55
C ILE A 34 -7.34 -3.45 -4.64
N HIS A 35 -6.15 -2.86 -4.78
CA HIS A 35 -5.93 -1.84 -5.79
C HIS A 35 -5.79 -2.45 -7.18
N THR A 36 -4.94 -3.48 -7.28
CA THR A 36 -4.71 -4.15 -8.55
C THR A 36 -5.19 -5.60 -8.49
N GLY A 37 -6.29 -5.89 -9.19
CA GLY A 37 -6.82 -7.24 -9.20
C GLY A 37 -7.78 -7.47 -10.35
N GLU A 38 -9.08 -7.37 -10.05
CA GLU A 38 -10.11 -7.58 -11.07
C GLU A 38 -11.03 -6.37 -11.15
N LYS A 39 -10.51 -5.26 -11.67
CA LYS A 39 -11.30 -4.04 -11.80
C LYS A 39 -12.57 -4.28 -12.60
N PRO A 40 -13.72 -3.99 -11.99
CA PRO A 40 -15.02 -4.17 -12.63
C PRO A 40 -15.27 -3.18 -13.77
N SER A 41 -15.22 -3.68 -15.00
CA SER A 41 -15.42 -2.83 -16.17
C SER A 41 -16.70 -3.21 -16.90
N GLY A 42 -17.71 -2.35 -16.78
CA GLY A 42 -18.98 -2.61 -17.44
C GLY A 42 -19.86 -1.38 -17.52
N PRO A 43 -20.65 -1.28 -18.61
CA PRO A 43 -21.55 -0.14 -18.82
C PRO A 43 -22.73 -0.14 -17.85
N SER A 44 -23.51 0.94 -17.87
CA SER A 44 -24.65 1.06 -16.99
C SER A 44 -25.87 1.58 -17.75
N SER A 45 -26.89 0.74 -17.88
CA SER A 45 -28.11 1.10 -18.58
C SER A 45 -29.33 0.96 -17.68
N GLY A 46 -29.64 2.01 -16.93
CA GLY A 46 -30.79 1.98 -16.05
C GLY A 46 -30.45 2.50 -14.65
N GLY A 1 3.73 24.41 11.97
CA GLY A 1 2.88 23.84 12.99
C GLY A 1 3.63 22.92 13.95
N SER A 2 2.90 22.23 14.80
CA SER A 2 3.51 21.33 15.78
C SER A 2 4.56 20.45 15.11
N SER A 3 5.82 20.65 15.52
CA SER A 3 6.92 19.88 14.96
C SER A 3 7.53 18.97 16.01
N GLY A 4 6.95 17.77 16.17
CA GLY A 4 7.44 16.83 17.14
C GLY A 4 8.26 15.72 16.50
N SER A 5 8.99 14.97 17.34
CA SER A 5 9.82 13.88 16.85
C SER A 5 9.25 12.53 17.27
N SER A 6 9.05 11.66 16.28
CA SER A 6 8.50 10.33 16.55
C SER A 6 8.81 9.38 15.40
N GLY A 7 9.12 8.12 15.74
CA GLY A 7 9.43 7.14 14.72
C GLY A 7 10.88 7.17 14.30
N THR A 8 11.64 6.19 14.75
CA THR A 8 13.06 6.11 14.42
C THR A 8 13.27 5.87 12.93
N GLY A 9 12.61 4.85 12.40
CA GLY A 9 12.73 4.54 10.99
C GLY A 9 11.41 4.17 10.36
N GLU A 10 11.46 3.65 9.13
CA GLU A 10 10.25 3.26 8.41
C GLU A 10 10.31 1.80 8.01
N LYS A 11 9.15 1.15 7.98
CA LYS A 11 9.07 -0.26 7.60
C LYS A 11 9.49 -0.46 6.15
N PRO A 12 9.93 -1.69 5.82
CA PRO A 12 10.36 -2.04 4.47
C PRO A 12 9.21 -2.07 3.48
N TYR A 13 8.11 -2.70 3.88
CA TYR A 13 6.93 -2.81 3.01
C TYR A 13 5.86 -1.81 3.44
N ILE A 14 5.50 -0.92 2.51
CA ILE A 14 4.49 0.10 2.78
C ILE A 14 3.72 0.45 1.51
N CYS A 15 2.42 0.14 1.51
CA CYS A 15 1.57 0.42 0.36
C CYS A 15 1.63 1.91 0.00
N ASN A 16 1.41 2.20 -1.28
CA ASN A 16 1.43 3.59 -1.75
C ASN A 16 0.03 4.07 -2.09
N GLU A 17 -0.82 3.15 -2.52
CA GLU A 17 -2.19 3.48 -2.88
C GLU A 17 -2.96 4.01 -1.67
N CYS A 18 -2.97 3.23 -0.60
CA CYS A 18 -3.67 3.62 0.63
C CYS A 18 -2.69 4.21 1.64
N GLY A 19 -1.53 3.58 1.77
CA GLY A 19 -0.53 4.05 2.72
C GLY A 19 -0.48 3.23 3.99
N LYS A 20 -0.40 1.91 3.83
CA LYS A 20 -0.36 1.00 4.97
C LYS A 20 1.04 0.41 5.13
N SER A 21 1.33 -0.10 6.33
CA SER A 21 2.63 -0.69 6.61
C SER A 21 2.50 -2.19 6.88
N PHE A 22 3.54 -2.93 6.56
CA PHE A 22 3.55 -4.38 6.76
C PHE A 22 4.96 -4.89 7.02
N ILE A 23 5.08 -6.18 7.35
CA ILE A 23 6.37 -6.78 7.62
C ILE A 23 6.70 -7.85 6.58
N GLN A 24 5.73 -8.69 6.27
CA GLN A 24 5.92 -9.76 5.29
C GLN A 24 5.60 -9.27 3.88
N LYS A 25 6.48 -9.57 2.94
CA LYS A 25 6.29 -9.16 1.55
C LYS A 25 4.99 -9.71 0.99
N SER A 26 4.64 -10.92 1.43
CA SER A 26 3.41 -11.57 0.97
C SER A 26 2.18 -10.85 1.51
N HIS A 27 2.25 -10.44 2.77
CA HIS A 27 1.14 -9.73 3.41
C HIS A 27 0.73 -8.51 2.60
N LEU A 28 1.72 -7.74 2.16
CA LEU A 28 1.46 -6.54 1.37
C LEU A 28 1.06 -6.89 -0.05
N ASN A 29 1.89 -7.69 -0.72
CA ASN A 29 1.61 -8.11 -2.09
C ASN A 29 0.17 -8.57 -2.23
N ARG A 30 -0.33 -9.28 -1.22
CA ARG A 30 -1.70 -9.78 -1.24
C ARG A 30 -2.69 -8.67 -0.89
N HIS A 31 -2.25 -7.73 -0.05
CA HIS A 31 -3.10 -6.61 0.35
C HIS A 31 -3.34 -5.67 -0.82
N ARG A 32 -2.29 -5.39 -1.59
CA ARG A 32 -2.40 -4.50 -2.73
C ARG A 32 -3.40 -5.03 -3.75
N ARG A 33 -3.82 -6.28 -3.56
CA ARG A 33 -4.77 -6.91 -4.46
C ARG A 33 -6.02 -6.05 -4.62
N ILE A 34 -6.31 -5.23 -3.61
CA ILE A 34 -7.47 -4.36 -3.63
C ILE A 34 -7.26 -3.20 -4.60
N HIS A 35 -6.02 -2.72 -4.69
CA HIS A 35 -5.69 -1.62 -5.57
C HIS A 35 -5.38 -2.12 -6.98
N THR A 36 -4.41 -3.02 -7.08
CA THR A 36 -4.01 -3.58 -8.36
C THR A 36 -5.22 -4.14 -9.11
N GLY A 37 -5.33 -3.78 -10.38
CA GLY A 37 -6.44 -4.26 -11.19
C GLY A 37 -7.42 -3.15 -11.54
N GLU A 38 -7.83 -2.38 -10.54
CA GLU A 38 -8.77 -1.29 -10.75
C GLU A 38 -8.06 -0.04 -11.27
N LYS A 39 -8.81 0.81 -11.96
CA LYS A 39 -8.25 2.04 -12.51
C LYS A 39 -7.33 2.72 -11.50
N PRO A 40 -6.27 3.36 -12.00
CA PRO A 40 -5.29 4.06 -11.16
C PRO A 40 -5.87 5.33 -10.54
N SER A 41 -5.17 5.89 -9.56
CA SER A 41 -5.62 7.09 -8.88
C SER A 41 -4.44 7.86 -8.30
N GLY A 42 -4.27 9.11 -8.76
CA GLY A 42 -3.18 9.93 -8.28
C GLY A 42 -2.85 11.08 -9.23
N PRO A 43 -2.46 12.23 -8.66
CA PRO A 43 -2.11 13.41 -9.45
C PRO A 43 -0.81 13.24 -10.23
N SER A 44 -0.58 14.14 -11.18
CA SER A 44 0.62 14.07 -12.00
C SER A 44 1.85 14.53 -11.22
N SER A 45 3.03 14.24 -11.74
CA SER A 45 4.28 14.61 -11.09
C SER A 45 5.02 15.68 -11.90
N GLY A 46 6.08 16.22 -11.31
CA GLY A 46 6.86 17.23 -11.99
C GLY A 46 8.29 16.79 -12.27
#